data_8IME
#
_entry.id   8IME
#
_cell.length_a   216.872
_cell.length_b   47.360
_cell.length_c   87.993
_cell.angle_alpha   90.00
_cell.angle_beta   111.95
_cell.angle_gamma   90.00
#
_symmetry.space_group_name_H-M   'C 1 2 1'
#
loop_
_entity.id
_entity.type
_entity.pdbx_description
1 polymer 'Cyclic GMP-AMP synthase'
2 non-polymer '5,6-dihydroxy-4-oxo-2-phenyl-4H-chromen-7-yl beta-D-glucopyranosiduronic acid'
3 non-polymer 'ZINC ION'
4 water water
#
_entity_poly.entity_id   1
_entity_poly.type   'polypeptide(L)'
_entity_poly.pdbx_seq_one_letter_code
;DAAPGASKLRAVLEKLKLSRDDISTAAGMVKGVVDHLLLRLKCDSAFRGVGLLNTGSYYEHVKISAPNEFDVMFKLEVPR
IQLEEYSNTRAYYFVKFKRNPKENPLSQFLEGEILSASKMLSKFRKIIKEEINDIKDTDVIMKRKRGGSPAVTLLISEKI
SVDITLALESKSSWPASTQEGLRIQNWLSAKVRKQLRLKPFYLVPKHAKEGNGFQEETWRLSFSHIEKEILNNHGKSKTC
CENKEEKCCRKDCLKLMKYLLEQLKERFKDKKHLDKFSSYHVKTAFFHVCTQNPQDSQWDRKDLGLCFDNCVTYFLQCLR
TEKLENYFIPEFNLFSSNLIDKRSKEFLTKQIEYERNNEFPVFDEF
;
_entity_poly.pdbx_strand_id   A,B
#
# COMPACT_ATOMS: atom_id res chain seq x y z
N ALA A 6 -35.39 -4.03 -10.11
CA ALA A 6 -34.18 -4.52 -9.45
C ALA A 6 -34.47 -5.12 -8.08
N SER A 7 -35.71 -4.95 -7.61
CA SER A 7 -36.10 -5.42 -6.27
C SER A 7 -36.04 -6.94 -6.16
N LYS A 8 -36.12 -7.65 -7.29
CA LYS A 8 -35.90 -9.09 -7.26
C LYS A 8 -34.41 -9.42 -7.12
N LEU A 9 -33.54 -8.60 -7.68
CA LEU A 9 -32.11 -8.81 -7.52
C LEU A 9 -31.70 -8.69 -6.06
N ARG A 10 -32.16 -7.61 -5.40
CA ARG A 10 -31.84 -7.43 -3.99
C ARG A 10 -32.42 -8.56 -3.15
N ALA A 11 -33.54 -9.15 -3.57
CA ALA A 11 -34.06 -10.33 -2.88
C ALA A 11 -33.09 -11.49 -2.99
N VAL A 12 -32.56 -11.73 -4.18
CA VAL A 12 -31.59 -12.81 -4.37
C VAL A 12 -30.33 -12.55 -3.54
N LEU A 13 -29.83 -11.32 -3.59
CA LEU A 13 -28.62 -10.98 -2.84
C LEU A 13 -28.81 -11.21 -1.35
N GLU A 14 -30.00 -10.93 -0.84
CA GLU A 14 -30.26 -11.11 0.59
C GLU A 14 -30.23 -12.59 0.97
N LYS A 15 -30.86 -13.44 0.15
CA LYS A 15 -30.81 -14.87 0.39
C LYS A 15 -29.39 -15.39 0.26
N LEU A 16 -28.61 -14.83 -0.66
CA LEU A 16 -27.21 -15.24 -0.81
C LEU A 16 -26.41 -14.96 0.45
N LYS A 17 -26.76 -13.91 1.19
CA LYS A 17 -26.03 -13.56 2.40
C LYS A 17 -26.39 -14.46 3.57
N LEU A 18 -27.63 -14.98 3.60
CA LEU A 18 -28.05 -15.80 4.73
C LEU A 18 -27.28 -17.10 4.79
N SER A 19 -27.01 -17.73 3.65
CA SER A 19 -26.26 -18.97 3.62
C SER A 19 -24.80 -18.78 3.97
N ARG A 20 -24.33 -17.54 4.10
CA ARG A 20 -22.95 -17.26 4.48
C ARG A 20 -22.85 -17.08 6.00
N SER A 24 -21.46 -19.74 9.60
CA SER A 24 -20.06 -19.44 9.87
C SER A 24 -19.49 -20.50 10.80
N THR A 25 -20.24 -21.60 10.96
CA THR A 25 -19.85 -22.72 11.80
C THR A 25 -18.90 -23.68 11.09
N ALA A 26 -18.47 -23.35 9.87
CA ALA A 26 -17.73 -24.28 9.03
C ALA A 26 -16.24 -24.00 8.98
N ALA A 27 -15.85 -22.73 8.94
CA ALA A 27 -14.44 -22.38 8.75
C ALA A 27 -13.57 -22.80 9.93
N GLY A 28 -14.14 -23.00 11.10
CA GLY A 28 -13.35 -23.33 12.28
C GLY A 28 -12.61 -24.65 12.14
N MET A 29 -13.24 -25.63 11.49
CA MET A 29 -12.63 -26.95 11.35
C MET A 29 -11.62 -26.98 10.21
N VAL A 30 -11.97 -26.40 9.05
CA VAL A 30 -11.04 -26.37 7.93
C VAL A 30 -9.82 -25.52 8.26
N LYS A 31 -9.97 -24.52 9.14
CA LYS A 31 -8.81 -23.79 9.63
C LYS A 31 -7.91 -24.69 10.46
N GLY A 32 -8.50 -25.59 11.25
CA GLY A 32 -7.69 -26.50 12.03
C GLY A 32 -6.93 -27.50 11.18
N VAL A 33 -7.58 -28.04 10.15
CA VAL A 33 -6.93 -29.02 9.29
C VAL A 33 -5.83 -28.36 8.47
N VAL A 34 -6.16 -27.27 7.77
CA VAL A 34 -5.21 -26.63 6.88
C VAL A 34 -3.97 -26.18 7.63
N ASP A 35 -4.16 -25.52 8.79
CA ASP A 35 -3.03 -25.11 9.59
C ASP A 35 -2.18 -26.30 10.01
N HIS A 36 -2.82 -27.41 10.38
CA HIS A 36 -2.08 -28.62 10.75
C HIS A 36 -1.41 -29.26 9.56
N LEU A 37 -2.02 -29.18 8.37
CA LEU A 37 -1.42 -29.78 7.19
C LEU A 37 -0.10 -29.11 6.83
N LEU A 38 0.00 -27.80 7.03
CA LEU A 38 1.20 -27.05 6.68
C LEU A 38 2.40 -27.37 7.56
N LEU A 39 2.27 -28.29 8.52
CA LEU A 39 3.40 -28.73 9.32
C LEU A 39 4.18 -29.83 8.61
N ARG A 40 3.52 -30.96 8.33
CA ARG A 40 4.17 -32.05 7.61
C ARG A 40 4.57 -31.65 6.20
N LEU A 41 4.01 -30.55 5.68
CA LEU A 41 4.50 -30.00 4.43
C LEU A 41 5.82 -29.28 4.62
N LYS A 42 5.96 -28.54 5.73
CA LYS A 42 7.23 -27.93 6.07
C LYS A 42 8.30 -28.96 6.44
N CYS A 43 7.91 -30.22 6.63
CA CYS A 43 8.88 -31.27 6.94
C CYS A 43 9.89 -31.42 5.81
N ASP A 44 9.41 -31.63 4.59
CA ASP A 44 10.27 -31.81 3.44
C ASP A 44 10.65 -30.48 2.80
N PHE A 47 9.39 -28.18 -0.04
CA PHE A 47 8.16 -27.67 0.54
C PHE A 47 8.43 -26.97 1.87
N ARG A 48 9.69 -26.58 2.07
CA ARG A 48 10.07 -25.92 3.32
C ARG A 48 9.45 -24.54 3.43
N GLY A 49 9.47 -23.75 2.35
CA GLY A 49 8.94 -22.41 2.38
C GLY A 49 7.50 -22.32 1.90
N VAL A 50 6.71 -23.34 2.19
CA VAL A 50 5.32 -23.38 1.73
C VAL A 50 4.43 -22.75 2.80
N GLY A 51 3.32 -22.21 2.35
CA GLY A 51 2.39 -21.54 3.24
C GLY A 51 1.22 -21.01 2.46
N LEU A 52 0.20 -20.57 3.21
CA LEU A 52 -1.01 -20.06 2.59
C LEU A 52 -0.73 -18.82 1.76
N LEU A 53 -1.40 -18.70 0.62
CA LEU A 53 -1.35 -17.49 -0.17
C LEU A 53 -2.34 -16.46 0.36
N ASN A 54 -3.62 -16.82 0.37
CA ASN A 54 -4.65 -15.94 0.91
C ASN A 54 -4.85 -16.19 2.40
N GLU A 60 -11.65 -19.29 0.63
CA GLU A 60 -12.31 -18.72 -0.54
C GLU A 60 -13.52 -19.55 -0.95
N HIS A 61 -14.47 -18.91 -1.62
CA HIS A 61 -15.68 -19.58 -2.12
C HIS A 61 -15.79 -19.28 -3.62
N VAL A 62 -15.15 -20.13 -4.43
CA VAL A 62 -15.21 -19.95 -5.87
C VAL A 62 -16.62 -20.20 -6.40
N LYS A 63 -17.36 -21.10 -5.75
CA LYS A 63 -18.75 -21.39 -6.09
C LYS A 63 -19.65 -20.75 -5.03
N ILE A 64 -20.55 -19.86 -5.45
CA ILE A 64 -21.33 -19.10 -4.47
C ILE A 64 -22.41 -19.97 -3.84
N SER A 65 -23.24 -20.63 -4.67
CA SER A 65 -24.39 -21.36 -4.14
C SER A 65 -24.01 -22.64 -3.40
N ALA A 66 -22.72 -22.97 -3.31
CA ALA A 66 -22.24 -24.14 -2.56
C ALA A 66 -21.37 -23.64 -1.41
N PRO A 67 -21.98 -23.24 -0.29
CA PRO A 67 -21.19 -22.72 0.83
C PRO A 67 -20.45 -23.78 1.62
N ASN A 68 -20.63 -25.06 1.30
CA ASN A 68 -19.86 -26.12 1.96
C ASN A 68 -18.57 -26.45 1.24
N GLU A 69 -18.42 -26.01 -0.01
CA GLU A 69 -17.18 -26.20 -0.76
C GLU A 69 -16.27 -25.00 -0.54
N PHE A 70 -15.00 -25.28 -0.26
CA PHE A 70 -14.02 -24.23 -0.01
C PHE A 70 -12.76 -24.50 -0.81
N ASP A 71 -12.07 -23.43 -1.19
CA ASP A 71 -10.87 -23.51 -2.01
C ASP A 71 -9.74 -22.77 -1.31
N VAL A 72 -8.68 -23.51 -0.95
CA VAL A 72 -7.50 -22.92 -0.35
C VAL A 72 -6.32 -23.15 -1.30
N MET A 73 -5.31 -22.29 -1.17
CA MET A 73 -4.13 -22.35 -2.02
C MET A 73 -2.89 -22.40 -1.15
N PHE A 74 -2.07 -23.42 -1.36
CA PHE A 74 -0.78 -23.55 -0.68
C PHE A 74 0.30 -23.03 -1.63
N LYS A 75 0.99 -21.98 -1.22
CA LYS A 75 1.99 -21.32 -2.06
C LYS A 75 3.40 -21.65 -1.60
N LEU A 76 4.27 -21.93 -2.57
CA LEU A 76 5.66 -22.29 -2.33
C LEU A 76 6.54 -21.42 -3.20
N GLU A 77 7.45 -20.66 -2.57
CA GLU A 77 8.34 -19.79 -3.32
C GLU A 77 9.50 -20.60 -3.87
N VAL A 78 9.57 -20.72 -5.19
CA VAL A 78 10.78 -21.19 -5.87
C VAL A 78 11.68 -19.96 -6.06
N PRO A 79 12.94 -20.02 -5.59
CA PRO A 79 13.74 -18.79 -5.47
C PRO A 79 13.86 -18.00 -6.77
N ARG A 80 14.64 -18.50 -7.72
CA ARG A 80 14.85 -17.83 -9.00
C ARG A 80 14.67 -18.84 -10.11
N ILE A 81 13.71 -18.60 -11.00
CA ILE A 81 13.37 -19.55 -12.05
C ILE A 81 13.55 -18.88 -13.40
N GLN A 82 13.58 -19.71 -14.44
CA GLN A 82 13.54 -19.27 -15.83
C GLN A 82 12.23 -19.76 -16.44
N LEU A 83 11.42 -18.85 -16.94
CA LEU A 83 10.15 -19.18 -17.56
C LEU A 83 10.32 -19.27 -19.07
N GLU A 84 9.89 -20.39 -19.64
CA GLU A 84 9.88 -20.59 -21.08
C GLU A 84 8.43 -20.76 -21.52
N GLU A 85 7.96 -19.85 -22.37
CA GLU A 85 6.58 -19.89 -22.82
C GLU A 85 6.33 -21.13 -23.66
N TYR A 86 5.25 -21.86 -23.34
CA TYR A 86 4.87 -23.06 -24.08
C TYR A 86 3.94 -22.67 -25.22
N SER A 87 4.47 -22.69 -26.44
CA SER A 87 3.66 -22.76 -27.66
C SER A 87 2.75 -21.53 -27.84
N ASN A 88 3.31 -20.34 -27.60
CA ASN A 88 2.59 -19.08 -27.76
C ASN A 88 1.28 -19.06 -26.99
N THR A 89 1.17 -19.83 -25.90
CA THR A 89 -0.03 -19.75 -25.09
C THR A 89 -0.06 -18.46 -24.29
N ARG A 90 1.11 -17.86 -24.03
CA ARG A 90 1.27 -16.61 -23.30
C ARG A 90 0.80 -16.74 -21.86
N ALA A 91 0.11 -17.83 -21.53
CA ALA A 91 -0.33 -18.10 -20.18
C ALA A 91 0.20 -19.40 -19.61
N TYR A 92 0.69 -20.31 -20.45
CA TYR A 92 1.26 -21.57 -20.01
C TYR A 92 2.77 -21.54 -20.19
N TYR A 93 3.49 -22.07 -19.21
CA TYR A 93 4.93 -21.87 -19.13
C TYR A 93 5.63 -23.14 -18.66
N PHE A 94 6.87 -23.30 -19.09
CA PHE A 94 7.79 -24.29 -18.55
C PHE A 94 8.72 -23.60 -17.56
N VAL A 95 8.88 -24.21 -16.38
CA VAL A 95 9.64 -23.61 -15.29
C VAL A 95 10.99 -24.31 -15.21
N LYS A 96 12.06 -23.56 -15.45
CA LYS A 96 13.42 -24.04 -15.33
C LYS A 96 14.15 -23.24 -14.26
N PHE A 97 15.36 -23.69 -13.93
CA PHE A 97 16.14 -23.06 -12.86
C PHE A 97 17.49 -22.57 -13.37
N GLN A 108 14.98 -32.61 -7.61
CA GLN A 108 14.11 -33.75 -7.36
C GLN A 108 13.27 -34.04 -8.60
N PHE A 109 12.11 -33.37 -8.70
CA PHE A 109 11.18 -33.56 -9.79
C PHE A 109 11.64 -32.89 -11.09
N LEU A 110 12.93 -32.60 -11.24
CA LEU A 110 13.41 -32.00 -12.47
C LEU A 110 13.57 -33.06 -13.55
N GLU A 111 12.99 -32.81 -14.71
CA GLU A 111 13.06 -33.75 -15.83
C GLU A 111 13.58 -33.07 -17.08
N ILE A 114 13.31 -28.88 -16.79
CA ILE A 114 11.89 -28.63 -16.60
C ILE A 114 11.40 -29.27 -15.30
N LEU A 115 10.48 -28.60 -14.63
CA LEU A 115 9.94 -29.05 -13.35
C LEU A 115 8.66 -29.84 -13.59
N SER A 116 8.65 -31.09 -13.12
CA SER A 116 7.50 -31.96 -13.33
C SER A 116 6.37 -31.53 -12.40
N ALA A 117 5.27 -31.03 -12.97
CA ALA A 117 4.05 -30.87 -12.19
C ALA A 117 3.46 -32.23 -11.83
N SER A 118 3.71 -33.25 -12.64
CA SER A 118 3.22 -34.58 -12.32
C SER A 118 3.85 -35.09 -11.03
N LYS A 119 5.18 -35.07 -10.96
CA LYS A 119 5.86 -35.62 -9.79
C LYS A 119 5.72 -34.69 -8.58
N MET A 120 5.71 -33.37 -8.80
CA MET A 120 5.55 -32.43 -7.70
C MET A 120 4.20 -32.59 -7.02
N LEU A 121 3.14 -32.77 -7.80
CA LEU A 121 1.83 -33.04 -7.21
C LEU A 121 1.76 -34.43 -6.60
N SER A 122 2.60 -35.36 -7.07
CA SER A 122 2.63 -36.70 -6.48
C SER A 122 3.18 -36.65 -5.05
N LYS A 123 4.28 -35.92 -4.84
CA LYS A 123 4.82 -35.78 -3.50
C LYS A 123 3.94 -34.90 -2.63
N PHE A 124 3.24 -33.94 -3.24
CA PHE A 124 2.32 -33.11 -2.47
C PHE A 124 1.07 -33.90 -2.05
N ARG A 125 0.50 -34.67 -2.98
CA ARG A 125 -0.65 -35.49 -2.65
C ARG A 125 -0.28 -36.65 -1.73
N LYS A 126 0.96 -37.14 -1.82
CA LYS A 126 1.38 -38.24 -0.97
C LYS A 126 1.41 -37.83 0.50
N ILE A 127 2.09 -36.72 0.80
CA ILE A 127 2.19 -36.28 2.19
C ILE A 127 0.82 -35.90 2.74
N ILE A 128 0.07 -35.11 1.98
CA ILE A 128 -1.26 -34.67 2.41
C ILE A 128 -2.10 -35.88 2.81
N LYS A 129 -2.35 -36.78 1.85
CA LYS A 129 -3.14 -37.96 2.11
C LYS A 129 -2.60 -38.81 3.25
N GLU A 130 -1.33 -38.64 3.61
CA GLU A 130 -0.74 -39.38 4.72
C GLU A 130 -1.11 -38.75 6.07
N GLU A 131 -0.87 -37.45 6.20
CA GLU A 131 -1.18 -36.75 7.46
C GLU A 131 -2.69 -36.76 7.76
N ILE A 132 -3.53 -36.95 6.74
CA ILE A 132 -4.95 -37.16 6.99
C ILE A 132 -5.16 -38.25 8.03
N ASN A 133 -4.37 -39.31 7.97
CA ASN A 133 -4.61 -40.49 8.80
C ASN A 133 -3.81 -40.46 10.10
N ALA A 151 -6.43 -30.42 -7.52
CA ALA A 151 -5.29 -31.18 -7.01
C ALA A 151 -5.74 -32.21 -5.97
N VAL A 152 -5.81 -31.79 -4.72
CA VAL A 152 -6.18 -32.66 -3.60
C VAL A 152 -7.36 -32.03 -2.87
N THR A 153 -8.40 -32.82 -2.64
CA THR A 153 -9.65 -32.34 -2.07
C THR A 153 -9.99 -33.20 -0.86
N LEU A 154 -10.21 -32.56 0.29
CA LEU A 154 -10.46 -33.26 1.53
C LEU A 154 -11.95 -33.41 1.83
N ILE A 160 -17.96 -31.73 4.17
CA ILE A 160 -17.43 -30.40 3.94
C ILE A 160 -16.18 -30.46 3.06
N SER A 161 -16.34 -30.12 1.78
CA SER A 161 -15.28 -30.29 0.80
C SER A 161 -14.29 -29.13 0.86
N VAL A 162 -13.01 -29.48 0.72
CA VAL A 162 -11.90 -28.53 0.74
C VAL A 162 -10.92 -28.94 -0.35
N ASP A 163 -10.75 -28.08 -1.34
CA ASP A 163 -9.84 -28.32 -2.46
C ASP A 163 -8.60 -27.45 -2.31
N ILE A 164 -7.43 -28.10 -2.18
CA ILE A 164 -6.16 -27.44 -1.93
C ILE A 164 -5.37 -27.40 -3.23
N THR A 165 -4.84 -26.23 -3.56
CA THR A 165 -4.03 -26.05 -4.77
C THR A 165 -2.59 -25.74 -4.39
N LEU A 166 -1.65 -26.29 -5.14
CA LEU A 166 -0.23 -25.97 -4.98
C LEU A 166 0.16 -24.93 -6.01
N ALA A 167 0.80 -23.86 -5.54
CA ALA A 167 1.21 -22.76 -6.41
C ALA A 167 2.66 -22.41 -6.15
N LEU A 168 3.38 -22.05 -7.20
CA LEU A 168 4.75 -21.57 -7.08
C LEU A 168 4.74 -20.05 -7.03
N GLU A 169 5.48 -19.48 -6.08
CA GLU A 169 5.60 -18.03 -5.97
C GLU A 169 6.88 -17.58 -6.64
N SER A 170 6.81 -16.44 -7.34
CA SER A 170 7.97 -15.80 -7.93
C SER A 170 7.93 -14.32 -7.59
N LYS A 171 8.92 -13.87 -6.81
CA LYS A 171 9.06 -12.47 -6.46
C LYS A 171 9.76 -11.66 -7.54
N SER A 172 9.87 -12.20 -8.75
CA SER A 172 10.46 -11.49 -9.87
C SER A 172 9.39 -10.75 -10.65
N SER A 173 9.85 -9.95 -11.63
CA SER A 173 8.93 -9.18 -12.44
C SER A 173 7.99 -10.11 -13.22
N TRP A 174 6.80 -9.59 -13.55
CA TRP A 174 5.79 -10.39 -14.20
C TRP A 174 6.22 -10.73 -15.63
N PRO A 175 5.76 -11.87 -16.15
CA PRO A 175 6.10 -12.23 -17.54
C PRO A 175 5.67 -11.16 -18.52
N ALA A 176 6.38 -11.12 -19.65
CA ALA A 176 6.15 -10.07 -20.65
C ALA A 176 4.75 -10.14 -21.25
N SER A 177 4.08 -11.29 -21.17
CA SER A 177 2.72 -11.42 -21.70
C SER A 177 1.71 -10.59 -20.93
N THR A 178 2.08 -10.07 -19.76
CA THR A 178 1.19 -9.24 -18.95
C THR A 178 1.45 -7.75 -19.12
N GLN A 179 2.34 -7.38 -20.05
CA GLN A 179 2.80 -5.99 -20.14
C GLN A 179 1.66 -5.02 -20.41
N GLU A 180 0.71 -5.42 -21.25
CA GLU A 180 -0.42 -4.56 -21.59
C GLU A 180 -1.73 -5.03 -20.95
N GLY A 181 -1.67 -5.93 -19.97
CA GLY A 181 -2.83 -6.32 -19.22
C GLY A 181 -3.02 -5.46 -17.98
N LEU A 182 -4.01 -5.84 -17.17
CA LEU A 182 -4.32 -5.15 -15.92
C LEU A 182 -4.51 -3.65 -16.15
N ARG A 183 -5.30 -3.32 -17.16
CA ARG A 183 -5.55 -1.93 -17.54
C ARG A 183 -6.55 -1.33 -16.56
N ILE A 184 -6.04 -0.97 -15.38
CA ILE A 184 -6.81 -0.32 -14.33
C ILE A 184 -6.41 1.14 -14.17
N GLN A 185 -5.65 1.68 -15.13
CA GLN A 185 -5.00 2.98 -14.94
C GLN A 185 -6.02 4.11 -14.78
N ASN A 186 -7.07 4.12 -15.59
CA ASN A 186 -8.09 5.15 -15.50
C ASN A 186 -9.17 4.81 -14.48
N TRP A 187 -9.11 3.63 -13.88
CA TRP A 187 -10.09 3.21 -12.87
C TRP A 187 -9.47 3.30 -11.49
N LEU A 188 -8.48 2.46 -11.22
CA LEU A 188 -7.87 2.38 -9.90
C LEU A 188 -6.57 3.18 -9.78
N SER A 189 -6.08 3.76 -10.88
CA SER A 189 -4.94 4.67 -10.99
C SER A 189 -3.65 3.95 -11.39
N ALA A 190 -2.72 4.70 -11.99
CA ALA A 190 -1.45 4.14 -12.40
C ALA A 190 -0.59 3.79 -11.18
N LYS A 191 -0.66 4.59 -10.12
CA LYS A 191 0.05 4.28 -8.89
C LYS A 191 -0.32 2.89 -8.38
N VAL A 192 -1.61 2.58 -8.37
CA VAL A 192 -2.04 1.27 -7.91
C VAL A 192 -1.58 0.18 -8.86
N ARG A 193 -1.60 0.45 -10.16
CA ARG A 193 -1.13 -0.55 -11.13
C ARG A 193 0.33 -0.87 -10.91
N LYS A 194 1.17 0.17 -10.78
CA LYS A 194 2.60 -0.06 -10.55
C LYS A 194 2.84 -0.81 -9.25
N GLN A 195 2.04 -0.51 -8.22
CA GLN A 195 2.23 -1.17 -6.93
C GLN A 195 1.81 -2.64 -6.99
N LEU A 196 0.73 -2.94 -7.71
CA LEU A 196 0.27 -4.32 -7.80
C LEU A 196 1.24 -5.19 -8.60
N ARG A 197 1.91 -4.61 -9.60
CA ARG A 197 2.85 -5.38 -10.40
C ARG A 197 4.18 -5.65 -9.70
N LEU A 198 4.41 -5.03 -8.54
CA LEU A 198 5.55 -5.36 -7.70
C LEU A 198 5.23 -6.47 -6.71
N LYS A 199 3.98 -6.92 -6.65
CA LYS A 199 3.63 -8.10 -5.88
C LYS A 199 4.07 -9.36 -6.65
N PRO A 200 4.20 -10.48 -5.95
CA PRO A 200 4.63 -11.71 -6.65
C PRO A 200 3.51 -12.26 -7.53
N PHE A 201 3.91 -13.00 -8.56
CA PHE A 201 2.98 -13.76 -9.37
C PHE A 201 3.15 -15.25 -9.05
N TYR A 202 2.15 -16.03 -9.46
CA TYR A 202 2.07 -17.43 -9.09
C TYR A 202 1.78 -18.29 -10.30
N LEU A 203 2.23 -19.55 -10.23
CA LEU A 203 2.03 -20.52 -11.29
C LEU A 203 1.35 -21.76 -10.72
N VAL A 204 0.41 -22.31 -11.49
CA VAL A 204 -0.41 -23.44 -11.04
C VAL A 204 -0.29 -24.57 -12.06
N PRO A 205 -0.47 -25.83 -11.65
CA PRO A 205 -0.29 -26.95 -12.59
C PRO A 205 -1.53 -27.17 -13.45
N LYS A 206 -1.33 -27.13 -14.77
CA LYS A 206 -2.29 -27.56 -15.80
C LYS A 206 -1.82 -27.02 -17.16
N GLU A 216 2.90 -30.78 -22.66
CA GLU A 216 1.71 -31.27 -21.95
C GLU A 216 2.02 -31.52 -20.47
N GLU A 217 3.00 -30.78 -19.94
CA GLU A 217 3.37 -30.79 -18.52
C GLU A 217 3.82 -29.37 -18.18
N THR A 218 2.86 -28.47 -18.05
CA THR A 218 3.10 -27.04 -18.01
C THR A 218 2.69 -26.45 -16.66
N TRP A 219 2.77 -25.12 -16.57
CA TRP A 219 2.22 -24.35 -15.47
C TRP A 219 1.56 -23.11 -16.05
N ARG A 220 0.46 -22.69 -15.41
CA ARG A 220 -0.32 -21.55 -15.86
C ARG A 220 -0.16 -20.38 -14.89
N LEU A 221 -0.09 -19.17 -15.45
CA LEU A 221 0.00 -17.97 -14.62
C LEU A 221 -1.27 -17.80 -13.79
N SER A 222 -1.08 -17.36 -12.54
CA SER A 222 -2.18 -17.15 -11.61
C SER A 222 -2.06 -15.78 -10.98
N PHE A 223 -3.12 -14.97 -11.07
CA PHE A 223 -3.17 -13.66 -10.45
C PHE A 223 -4.41 -13.52 -9.57
N SER A 224 -4.86 -14.63 -8.99
CA SER A 224 -6.07 -14.59 -8.16
C SER A 224 -5.89 -13.68 -6.95
N HIS A 225 -4.66 -13.59 -6.44
CA HIS A 225 -4.42 -12.71 -5.29
C HIS A 225 -4.64 -11.24 -5.66
N ILE A 226 -4.26 -10.86 -6.87
CA ILE A 226 -4.54 -9.50 -7.34
C ILE A 226 -6.04 -9.31 -7.53
N GLU A 227 -6.73 -10.35 -7.98
CA GLU A 227 -8.18 -10.25 -8.17
C GLU A 227 -8.90 -10.00 -6.85
N LYS A 228 -8.50 -10.73 -5.81
CA LYS A 228 -9.15 -10.59 -4.51
C LYS A 228 -8.94 -9.19 -3.93
N GLU A 229 -7.73 -8.63 -4.11
CA GLU A 229 -7.46 -7.29 -3.61
C GLU A 229 -8.28 -6.25 -4.36
N ILE A 230 -8.36 -6.37 -5.69
CA ILE A 230 -9.07 -5.39 -6.50
C ILE A 230 -10.56 -5.38 -6.14
N LEU A 231 -11.13 -6.57 -5.86
CA LEU A 231 -12.56 -6.64 -5.56
C LEU A 231 -12.88 -5.99 -4.23
N ASN A 232 -12.05 -6.20 -3.22
CA ASN A 232 -12.29 -5.66 -1.89
C ASN A 232 -11.76 -4.24 -1.71
N ASN A 233 -11.15 -3.66 -2.76
CA ASN A 233 -10.71 -2.27 -2.78
C ASN A 233 -10.99 -1.77 -4.20
N HIS A 234 -12.28 -1.57 -4.49
CA HIS A 234 -12.79 -1.62 -5.85
C HIS A 234 -13.15 -0.27 -6.47
N GLY A 235 -13.14 0.81 -5.69
CA GLY A 235 -13.58 2.09 -6.19
C GLY A 235 -12.44 2.97 -6.68
N LYS A 236 -12.79 3.92 -7.54
CA LYS A 236 -11.86 5.02 -7.83
C LYS A 236 -11.66 5.87 -6.57
N SER A 237 -12.74 6.14 -5.85
CA SER A 237 -12.64 6.71 -4.52
C SER A 237 -12.04 5.68 -3.56
N LYS A 238 -11.21 6.16 -2.64
CA LYS A 238 -10.69 5.29 -1.59
C LYS A 238 -11.73 4.98 -0.54
N THR A 239 -12.74 5.85 -0.37
CA THR A 239 -13.80 5.66 0.59
C THR A 239 -15.07 5.06 -0.03
N CYS A 240 -14.99 4.58 -1.27
CA CYS A 240 -16.14 3.96 -1.91
C CYS A 240 -16.68 2.82 -1.06
N CYS A 241 -17.99 2.85 -0.82
CA CYS A 241 -18.74 1.87 -0.03
C CYS A 241 -18.41 1.94 1.45
N GLU A 242 -17.75 3.00 1.91
CA GLU A 242 -17.46 3.19 3.32
C GLU A 242 -18.43 4.14 4.01
N ASN A 243 -19.46 4.61 3.29
CA ASN A 243 -20.46 5.50 3.88
C ASN A 243 -21.69 5.49 2.98
N LYS A 244 -22.76 6.13 3.48
CA LYS A 244 -24.03 6.10 2.78
C LYS A 244 -23.98 6.87 1.46
N GLU A 245 -23.17 7.93 1.38
CA GLU A 245 -23.09 8.72 0.16
C GLU A 245 -22.28 8.06 -0.94
N GLU A 246 -21.64 6.92 -0.67
CA GLU A 246 -20.72 6.32 -1.63
C GLU A 246 -20.87 4.80 -1.70
N LYS A 247 -22.09 4.30 -1.52
CA LYS A 247 -22.34 2.87 -1.66
C LYS A 247 -22.48 2.52 -3.15
N CYS A 248 -21.62 1.63 -3.64
CA CYS A 248 -21.66 1.17 -5.01
C CYS A 248 -22.20 -0.26 -5.06
N CYS A 249 -22.40 -0.78 -6.28
CA CYS A 249 -22.99 -2.10 -6.45
C CYS A 249 -22.12 -3.03 -7.29
N ARG A 250 -20.80 -2.78 -7.34
CA ARG A 250 -19.92 -3.63 -8.12
C ARG A 250 -19.95 -5.07 -7.62
N LYS A 251 -19.66 -5.27 -6.34
CA LYS A 251 -19.61 -6.62 -5.79
C LYS A 251 -20.96 -7.32 -5.90
N ASP A 252 -22.06 -6.58 -5.76
CA ASP A 252 -23.38 -7.17 -5.93
C ASP A 252 -23.58 -7.66 -7.36
N CYS A 253 -23.08 -6.90 -8.34
CA CYS A 253 -23.21 -7.32 -9.72
C CYS A 253 -22.41 -8.58 -10.01
N LEU A 254 -21.18 -8.65 -9.49
CA LEU A 254 -20.36 -9.84 -9.68
C LEU A 254 -21.02 -11.06 -9.04
N LYS A 255 -21.52 -10.90 -7.82
CA LYS A 255 -22.21 -12.00 -7.14
C LYS A 255 -23.39 -12.50 -7.97
N LEU A 256 -24.21 -11.58 -8.47
CA LEU A 256 -25.37 -11.98 -9.27
C LEU A 256 -24.95 -12.61 -10.59
N MET A 257 -23.87 -12.11 -11.19
CA MET A 257 -23.34 -12.73 -12.40
C MET A 257 -22.91 -14.16 -12.14
N LYS A 258 -22.16 -14.37 -11.05
CA LYS A 258 -21.70 -15.72 -10.70
C LYS A 258 -22.87 -16.64 -10.38
N TYR A 259 -23.81 -16.16 -9.57
CA TYR A 259 -24.95 -16.98 -9.18
C TYR A 259 -25.80 -17.36 -10.37
N LEU A 260 -25.96 -16.45 -11.34
CA LEU A 260 -26.77 -16.73 -12.51
C LEU A 260 -26.20 -17.89 -13.32
N LEU A 261 -24.87 -17.92 -13.50
CA LEU A 261 -24.27 -18.97 -14.31
C LEU A 261 -24.29 -20.31 -13.58
N GLU A 262 -24.05 -20.31 -12.27
CA GLU A 262 -24.05 -21.56 -11.53
C GLU A 262 -25.43 -22.20 -11.50
N GLN A 263 -26.48 -21.36 -11.44
CA GLN A 263 -27.84 -21.90 -11.50
C GLN A 263 -28.15 -22.47 -12.88
N LEU A 264 -27.68 -21.80 -13.93
CA LEU A 264 -27.85 -22.33 -15.28
C LEU A 264 -27.06 -23.62 -15.47
N LYS A 265 -25.84 -23.67 -14.94
CA LYS A 265 -25.04 -24.88 -15.01
C LYS A 265 -25.71 -26.03 -14.28
N GLU A 266 -26.42 -25.74 -13.19
CA GLU A 266 -27.13 -26.78 -12.46
C GLU A 266 -28.36 -27.25 -13.24
N ARG A 267 -29.10 -26.31 -13.83
CA ARG A 267 -30.32 -26.68 -14.54
C ARG A 267 -30.01 -27.54 -15.77
N PHE A 268 -28.92 -27.24 -16.47
CA PHE A 268 -28.57 -27.92 -17.72
C PHE A 268 -27.30 -28.75 -17.56
N LYS A 269 -27.13 -29.39 -16.40
CA LYS A 269 -25.94 -30.20 -16.19
C LYS A 269 -25.97 -31.50 -16.99
N ASP A 270 -27.16 -31.98 -17.32
CA ASP A 270 -27.27 -33.22 -18.09
C ASP A 270 -26.97 -33.03 -19.57
N LYS A 271 -26.93 -31.78 -20.04
CA LYS A 271 -26.66 -31.51 -21.45
C LYS A 271 -25.18 -31.35 -21.76
N LYS A 272 -24.37 -31.01 -20.76
CA LYS A 272 -22.92 -30.80 -20.89
C LYS A 272 -22.57 -29.67 -21.84
N HIS A 273 -23.54 -28.83 -22.22
CA HIS A 273 -23.24 -27.69 -23.08
C HIS A 273 -22.45 -26.62 -22.32
N LEU A 274 -22.68 -26.49 -21.02
CA LEU A 274 -22.06 -25.45 -20.22
C LEU A 274 -20.91 -25.98 -19.37
N ASP A 275 -20.39 -27.17 -19.69
CA ASP A 275 -19.30 -27.73 -18.90
C ASP A 275 -18.03 -26.89 -19.00
N LYS A 276 -17.80 -26.25 -20.14
CA LYS A 276 -16.60 -25.45 -20.35
C LYS A 276 -16.75 -24.00 -19.91
N PHE A 277 -17.80 -23.68 -19.15
CA PHE A 277 -18.00 -22.34 -18.63
C PHE A 277 -17.79 -22.34 -17.13
N SER A 278 -17.22 -21.25 -16.63
CA SER A 278 -16.77 -21.18 -15.25
C SER A 278 -17.07 -19.81 -14.68
N SER A 279 -17.00 -19.70 -13.36
CA SER A 279 -17.12 -18.39 -12.74
C SER A 279 -15.92 -17.51 -13.04
N TYR A 280 -14.86 -18.07 -13.63
CA TYR A 280 -13.69 -17.26 -13.98
C TYR A 280 -13.97 -16.37 -15.18
N HIS A 281 -14.70 -16.88 -16.18
CA HIS A 281 -15.10 -16.03 -17.29
C HIS A 281 -16.04 -14.93 -16.83
N VAL A 282 -16.99 -15.27 -15.95
CA VAL A 282 -17.89 -14.28 -15.38
C VAL A 282 -17.11 -13.20 -14.64
N LYS A 283 -16.13 -13.62 -13.84
CA LYS A 283 -15.29 -12.65 -13.13
C LYS A 283 -14.39 -11.89 -14.08
N THR A 284 -13.96 -12.52 -15.18
CA THR A 284 -13.12 -11.83 -16.15
C THR A 284 -13.90 -10.75 -16.89
N ALA A 285 -15.10 -11.10 -17.38
CA ALA A 285 -15.92 -10.11 -18.06
C ALA A 285 -16.29 -8.97 -17.14
N PHE A 286 -16.53 -9.26 -15.86
CA PHE A 286 -16.89 -8.21 -14.91
C PHE A 286 -15.77 -7.19 -14.77
N PHE A 287 -14.52 -7.64 -14.83
CA PHE A 287 -13.39 -6.72 -14.66
C PHE A 287 -13.24 -5.81 -15.86
N HIS A 288 -13.43 -6.34 -17.06
CA HIS A 288 -13.43 -5.48 -18.25
C HIS A 288 -14.53 -4.42 -18.16
N VAL A 289 -15.69 -4.77 -17.58
CA VAL A 289 -16.80 -3.83 -17.51
C VAL A 289 -16.46 -2.68 -16.56
N CYS A 290 -15.73 -2.99 -15.48
CA CYS A 290 -15.23 -1.95 -14.59
C CYS A 290 -14.17 -1.08 -15.25
N THR A 291 -13.43 -1.63 -16.22
CA THR A 291 -12.55 -0.79 -17.02
C THR A 291 -13.36 0.14 -17.92
N GLN A 292 -14.48 -0.35 -18.47
CA GLN A 292 -15.32 0.49 -19.31
C GLN A 292 -16.00 1.58 -18.52
N ASN A 293 -16.34 1.31 -17.26
CA ASN A 293 -17.06 2.25 -16.40
C ASN A 293 -16.21 2.53 -15.17
N PRO A 294 -15.16 3.34 -15.31
CA PRO A 294 -14.22 3.51 -14.19
C PRO A 294 -14.75 4.39 -13.07
N GLN A 295 -15.78 5.18 -13.31
CA GLN A 295 -16.30 6.08 -12.29
C GLN A 295 -17.24 5.35 -11.34
N ASP A 296 -17.20 5.75 -10.07
CA ASP A 296 -18.09 5.15 -9.07
C ASP A 296 -19.55 5.54 -9.28
N SER A 297 -19.80 6.67 -9.94
CA SER A 297 -21.19 7.10 -10.16
C SER A 297 -21.91 6.25 -11.20
N GLN A 298 -21.16 5.49 -12.00
CA GLN A 298 -21.77 4.53 -12.91
C GLN A 298 -22.11 3.21 -12.22
N TRP A 299 -21.91 3.13 -10.90
CA TRP A 299 -22.19 1.93 -10.12
C TRP A 299 -23.03 2.25 -8.90
N ASP A 300 -23.83 3.31 -8.96
CA ASP A 300 -24.67 3.69 -7.83
C ASP A 300 -25.60 2.54 -7.47
N ARG A 301 -25.71 2.27 -6.17
CA ARG A 301 -26.54 1.16 -5.71
C ARG A 301 -28.01 1.35 -6.08
N LYS A 302 -28.45 2.59 -6.29
CA LYS A 302 -29.80 2.81 -6.78
C LYS A 302 -29.99 2.33 -8.21
N ASP A 303 -28.89 2.09 -8.93
CA ASP A 303 -28.95 1.68 -10.33
C ASP A 303 -28.53 0.22 -10.52
N LEU A 304 -28.65 -0.60 -9.47
CA LEU A 304 -28.30 -2.01 -9.56
C LEU A 304 -29.01 -2.70 -10.71
N GLY A 305 -30.22 -2.25 -11.05
CA GLY A 305 -30.95 -2.79 -12.17
C GLY A 305 -30.23 -2.59 -13.49
N LEU A 306 -29.95 -1.33 -13.84
CA LEU A 306 -29.23 -1.05 -15.08
C LEU A 306 -27.82 -1.64 -15.03
N CYS A 307 -27.14 -1.51 -13.89
CA CYS A 307 -25.77 -1.98 -13.78
C CYS A 307 -25.66 -3.48 -14.04
N PHE A 308 -26.55 -4.27 -13.40
CA PHE A 308 -26.54 -5.71 -13.66
C PHE A 308 -26.86 -6.02 -15.11
N ASP A 309 -27.82 -5.29 -15.69
CA ASP A 309 -28.12 -5.47 -17.11
C ASP A 309 -26.90 -5.16 -17.97
N ASN A 310 -26.08 -4.19 -17.55
CA ASN A 310 -24.87 -3.87 -18.29
C ASN A 310 -23.85 -5.00 -18.21
N CYS A 311 -23.72 -5.63 -17.03
CA CYS A 311 -22.81 -6.76 -16.88
C CYS A 311 -23.25 -7.94 -17.73
N VAL A 312 -24.54 -8.26 -17.69
CA VAL A 312 -25.06 -9.37 -18.49
C VAL A 312 -24.86 -9.09 -19.98
N THR A 313 -25.07 -7.84 -20.39
CA THR A 313 -24.98 -7.51 -21.82
C THR A 313 -23.56 -7.67 -22.34
N TYR A 314 -22.56 -7.25 -21.57
CA TYR A 314 -21.17 -7.39 -22.01
C TYR A 314 -20.78 -8.85 -22.10
N PHE A 315 -21.14 -9.64 -21.09
CA PHE A 315 -20.85 -11.07 -21.13
C PHE A 315 -21.48 -11.73 -22.36
N LEU A 316 -22.69 -11.32 -22.71
CA LEU A 316 -23.34 -11.84 -23.91
C LEU A 316 -22.57 -11.44 -25.16
N GLN A 317 -22.10 -10.19 -25.21
CA GLN A 317 -21.35 -9.72 -26.38
C GLN A 317 -20.04 -10.49 -26.53
N CYS A 318 -19.41 -10.85 -25.41
CA CYS A 318 -18.22 -11.69 -25.47
C CYS A 318 -18.55 -13.09 -25.97
N LEU A 319 -19.74 -13.60 -25.63
CA LEU A 319 -20.14 -14.91 -26.12
C LEU A 319 -20.41 -14.86 -27.62
N ARG A 320 -21.15 -13.85 -28.08
CA ARG A 320 -21.53 -13.77 -29.49
C ARG A 320 -20.31 -13.55 -30.38
N THR A 321 -19.49 -12.55 -30.05
CA THR A 321 -18.28 -12.29 -30.82
C THR A 321 -17.15 -13.25 -30.49
N GLU A 322 -17.35 -14.14 -29.50
CA GLU A 322 -16.39 -15.20 -29.17
C GLU A 322 -15.02 -14.64 -28.80
N LYS A 323 -15.01 -13.51 -28.08
CA LYS A 323 -13.79 -12.89 -27.60
C LYS A 323 -13.92 -12.60 -26.11
N LEU A 324 -12.96 -13.05 -25.31
CA LEU A 324 -12.91 -12.68 -23.90
C LEU A 324 -11.47 -12.80 -23.45
N GLU A 325 -10.76 -11.68 -23.43
CA GLU A 325 -9.35 -11.68 -23.07
C GLU A 325 -9.17 -11.88 -21.57
N ASN A 326 -8.16 -12.68 -21.20
CA ASN A 326 -7.70 -12.74 -19.83
C ASN A 326 -7.33 -11.33 -19.35
N TYR A 327 -7.81 -10.96 -18.17
CA TYR A 327 -7.66 -9.58 -17.71
C TYR A 327 -6.19 -9.21 -17.51
N PHE A 328 -5.34 -10.18 -17.23
CA PHE A 328 -3.91 -9.93 -17.06
C PHE A 328 -3.09 -10.28 -18.30
N ILE A 329 -3.55 -11.23 -19.11
CA ILE A 329 -2.86 -11.63 -20.33
C ILE A 329 -3.76 -11.34 -21.52
N PRO A 330 -3.70 -10.13 -22.09
CA PRO A 330 -4.71 -9.74 -23.10
C PRO A 330 -4.70 -10.60 -24.35
N GLU A 331 -3.62 -11.31 -24.65
CA GLU A 331 -3.55 -12.15 -25.83
C GLU A 331 -4.08 -13.56 -25.57
N PHE A 332 -4.42 -13.88 -24.32
CA PHE A 332 -5.02 -15.16 -23.97
C PHE A 332 -6.53 -15.01 -24.06
N ASN A 333 -7.13 -15.59 -25.10
CA ASN A 333 -8.56 -15.44 -25.38
C ASN A 333 -9.31 -16.63 -24.77
N LEU A 334 -10.06 -16.36 -23.71
CA LEU A 334 -10.72 -17.44 -22.97
C LEU A 334 -11.87 -18.07 -23.76
N PHE A 335 -12.44 -17.34 -24.71
CA PHE A 335 -13.60 -17.79 -25.46
C PHE A 335 -13.26 -18.14 -26.91
N SER A 336 -12.08 -18.70 -27.13
CA SER A 336 -11.62 -18.98 -28.48
C SER A 336 -12.31 -20.23 -29.04
N SER A 337 -12.26 -20.35 -30.37
CA SER A 337 -12.87 -21.50 -31.04
C SER A 337 -12.21 -22.80 -30.60
N ASN A 338 -10.90 -22.77 -30.37
CA ASN A 338 -10.17 -23.96 -29.93
C ASN A 338 -10.45 -24.34 -28.49
N LEU A 339 -11.22 -23.53 -27.76
CA LEU A 339 -11.49 -23.77 -26.34
C LEU A 339 -12.95 -24.08 -26.05
N ILE A 340 -13.88 -23.36 -26.67
CA ILE A 340 -15.30 -23.53 -26.42
C ILE A 340 -16.02 -23.57 -27.76
N ASP A 341 -16.79 -24.63 -28.01
CA ASP A 341 -17.50 -24.75 -29.27
C ASP A 341 -18.55 -23.64 -29.39
N LYS A 342 -18.75 -23.17 -30.62
CA LYS A 342 -19.73 -22.11 -30.86
C LYS A 342 -21.13 -22.54 -30.45
N ARG A 343 -21.45 -23.83 -30.60
CA ARG A 343 -22.74 -24.34 -30.15
C ARG A 343 -22.98 -24.05 -28.68
N SER A 344 -21.96 -24.28 -27.84
CA SER A 344 -22.09 -24.03 -26.42
C SER A 344 -22.27 -22.55 -26.12
N LYS A 345 -21.56 -21.68 -26.85
CA LYS A 345 -21.72 -20.24 -26.66
C LYS A 345 -23.14 -19.80 -27.03
N GLU A 346 -23.63 -20.26 -28.18
CA GLU A 346 -24.97 -19.90 -28.61
C GLU A 346 -26.03 -20.46 -27.65
N PHE A 347 -25.78 -21.64 -27.08
CA PHE A 347 -26.72 -22.19 -26.10
C PHE A 347 -26.74 -21.33 -24.84
N LEU A 348 -25.56 -21.04 -24.27
CA LEU A 348 -25.48 -20.17 -23.11
C LEU A 348 -26.05 -18.79 -23.41
N THR A 349 -25.82 -18.29 -24.64
CA THR A 349 -26.39 -17.02 -25.04
C THR A 349 -27.92 -17.07 -25.03
N LYS A 350 -28.48 -18.15 -25.59
CA LYS A 350 -29.93 -18.27 -25.65
C LYS A 350 -30.55 -18.40 -24.27
N GLN A 351 -29.90 -19.16 -23.38
CA GLN A 351 -30.44 -19.35 -22.03
C GLN A 351 -30.45 -18.05 -21.26
N ILE A 352 -29.35 -17.29 -21.32
CA ILE A 352 -29.25 -16.04 -20.58
C ILE A 352 -30.27 -15.03 -21.10
N GLU A 353 -30.46 -14.97 -22.42
CA GLU A 353 -31.41 -14.03 -22.99
C GLU A 353 -32.84 -14.37 -22.59
N TYR A 354 -33.17 -15.66 -22.50
CA TYR A 354 -34.49 -16.05 -22.01
C TYR A 354 -34.68 -15.62 -20.56
N GLU A 355 -33.66 -15.83 -19.74
CA GLU A 355 -33.72 -15.38 -18.35
C GLU A 355 -33.95 -13.88 -18.27
N ARG A 356 -33.12 -13.11 -18.98
CA ARG A 356 -33.20 -11.66 -18.91
C ARG A 356 -34.55 -11.14 -19.39
N ASN A 357 -35.10 -11.74 -20.44
CA ASN A 357 -36.38 -11.30 -20.98
C ASN A 357 -37.56 -11.63 -20.06
N ASN A 358 -37.37 -12.49 -19.07
CA ASN A 358 -38.47 -12.94 -18.23
C ASN A 358 -38.19 -12.70 -16.75
N GLU A 359 -37.40 -11.66 -16.44
CA GLU A 359 -37.10 -11.27 -15.06
C GLU A 359 -36.44 -12.39 -14.29
N PHE A 360 -35.57 -13.14 -14.97
CA PHE A 360 -34.68 -14.15 -14.39
C PHE A 360 -35.43 -15.20 -13.57
N PRO A 361 -36.16 -16.11 -14.22
CA PRO A 361 -36.86 -17.17 -13.47
C PRO A 361 -35.93 -18.19 -12.84
N VAL A 362 -34.61 -18.13 -13.10
CA VAL A 362 -33.68 -19.05 -12.46
C VAL A 362 -33.20 -18.56 -11.10
N PHE A 363 -33.62 -17.36 -10.69
CA PHE A 363 -33.21 -16.80 -9.41
C PHE A 363 -34.13 -17.17 -8.26
N ASP A 364 -35.38 -17.55 -8.55
CA ASP A 364 -36.32 -17.95 -7.51
C ASP A 364 -36.55 -19.46 -7.54
N GLY B 5 -3.42 37.27 -6.46
CA GLY B 5 -2.04 37.22 -6.07
C GLY B 5 -1.43 35.82 -6.16
N ALA B 6 -2.23 34.88 -6.66
CA ALA B 6 -1.83 33.48 -6.65
C ALA B 6 -0.68 33.21 -7.61
N SER B 7 -0.58 33.98 -8.70
CA SER B 7 0.44 33.71 -9.71
C SER B 7 1.84 34.03 -9.21
N LYS B 8 1.97 34.86 -8.17
CA LYS B 8 3.27 34.99 -7.51
C LYS B 8 3.61 33.71 -6.74
N LEU B 9 2.60 33.03 -6.19
CA LEU B 9 2.85 31.75 -5.54
C LEU B 9 3.34 30.71 -6.56
N ARG B 10 2.69 30.63 -7.72
CA ARG B 10 3.17 29.73 -8.76
C ARG B 10 4.56 30.15 -9.23
N ALA B 11 4.83 31.45 -9.27
CA ALA B 11 6.18 31.91 -9.58
C ALA B 11 7.18 31.40 -8.56
N VAL B 12 6.85 31.51 -7.28
CA VAL B 12 7.71 30.96 -6.23
C VAL B 12 7.82 29.45 -6.37
N LEU B 13 6.70 28.79 -6.68
CA LEU B 13 6.74 27.34 -6.88
C LEU B 13 7.53 26.97 -8.12
N GLU B 14 7.49 27.82 -9.16
CA GLU B 14 8.31 27.58 -10.34
C GLU B 14 9.80 27.58 -9.98
N LYS B 15 10.22 28.53 -9.15
CA LYS B 15 11.62 28.61 -8.76
C LYS B 15 12.03 27.43 -7.89
N LEU B 16 11.15 27.02 -6.96
CA LEU B 16 11.46 25.88 -6.11
C LEU B 16 11.56 24.59 -6.92
N LYS B 17 10.77 24.47 -7.99
CA LYS B 17 10.80 23.26 -8.81
C LYS B 17 12.14 23.06 -9.49
N LEU B 18 12.89 24.14 -9.71
CA LEU B 18 14.20 24.04 -10.34
C LEU B 18 15.34 23.93 -9.34
N SER B 19 15.18 24.51 -8.16
CA SER B 19 16.23 24.46 -7.14
C SER B 19 16.32 23.07 -6.51
N THR B 25 24.71 15.94 -9.92
CA THR B 25 25.75 14.97 -9.62
C THR B 25 25.97 14.88 -8.12
N ALA B 26 25.20 15.69 -7.39
CA ALA B 26 25.29 15.71 -5.93
C ALA B 26 24.85 14.37 -5.33
N ALA B 27 23.73 13.83 -5.81
CA ALA B 27 23.17 12.61 -5.26
C ALA B 27 24.04 11.39 -5.52
N GLY B 28 24.89 11.43 -6.55
CA GLY B 28 25.78 10.31 -6.79
C GLY B 28 26.79 10.14 -5.67
N MET B 29 27.36 11.25 -5.18
CA MET B 29 28.37 11.17 -4.14
C MET B 29 27.79 10.65 -2.83
N VAL B 30 26.57 11.05 -2.49
CA VAL B 30 25.99 10.60 -1.24
C VAL B 30 25.59 9.12 -1.34
N LYS B 31 25.13 8.69 -2.51
CA LYS B 31 24.80 7.27 -2.69
C LYS B 31 26.02 6.40 -2.47
N GLY B 32 27.20 6.84 -2.94
CA GLY B 32 28.40 6.06 -2.76
C GLY B 32 28.82 5.97 -1.30
N VAL B 33 28.86 7.12 -0.61
CA VAL B 33 29.28 7.14 0.78
C VAL B 33 28.34 6.29 1.64
N VAL B 34 27.04 6.39 1.38
CA VAL B 34 26.07 5.60 2.14
C VAL B 34 26.28 4.12 1.89
N ASP B 35 26.56 3.73 0.64
CA ASP B 35 26.80 2.33 0.33
C ASP B 35 28.00 1.80 1.10
N HIS B 36 29.08 2.57 1.17
N HIS B 36 29.08 2.57 1.17
CA HIS B 36 30.27 2.14 1.91
CA HIS B 36 30.27 2.14 1.91
C HIS B 36 29.99 2.11 3.41
C HIS B 36 29.99 2.11 3.41
N LEU B 37 29.26 3.09 3.92
CA LEU B 37 28.96 3.13 5.35
C LEU B 37 28.09 1.96 5.78
N LEU B 38 27.08 1.62 4.98
CA LEU B 38 26.20 0.52 5.33
C LEU B 38 26.96 -0.81 5.36
N LEU B 39 27.83 -1.04 4.38
CA LEU B 39 28.52 -2.32 4.27
C LEU B 39 29.39 -2.58 5.49
N ARG B 40 30.15 -1.57 5.93
CA ARG B 40 30.99 -1.74 7.11
C ARG B 40 30.19 -1.71 8.40
N LEU B 41 29.02 -1.05 8.41
CA LEU B 41 28.14 -1.14 9.57
C LEU B 41 27.55 -2.54 9.69
N LYS B 42 27.32 -3.21 8.56
CA LYS B 42 26.89 -4.61 8.60
C LYS B 42 27.96 -5.52 9.19
N CYS B 43 29.23 -5.09 9.13
CA CYS B 43 30.32 -5.90 9.66
C CYS B 43 30.15 -6.13 11.16
N ASP B 44 29.68 -5.12 11.88
CA ASP B 44 29.55 -5.23 13.32
C ASP B 44 28.37 -6.12 13.69
N SER B 45 28.51 -6.85 14.80
CA SER B 45 27.44 -7.71 15.26
C SER B 45 26.21 -6.91 15.63
N ALA B 46 26.40 -5.73 16.23
CA ALA B 46 25.29 -4.92 16.73
C ALA B 46 24.50 -4.24 15.63
N PHE B 47 25.08 -4.02 14.46
CA PHE B 47 24.43 -3.31 13.37
C PHE B 47 24.34 -4.19 12.12
N ARG B 48 24.08 -5.49 12.30
CA ARG B 48 24.17 -6.42 11.19
C ARG B 48 23.01 -6.26 10.22
N GLY B 49 21.79 -6.07 10.73
CA GLY B 49 20.63 -5.99 9.87
C GLY B 49 20.29 -4.58 9.44
N VAL B 50 21.31 -3.76 9.20
CA VAL B 50 21.11 -2.34 8.90
C VAL B 50 20.97 -2.15 7.40
N GLY B 51 20.09 -1.25 7.01
CA GLY B 51 19.95 -0.82 5.65
C GLY B 51 19.23 0.51 5.64
N LEU B 52 19.10 1.08 4.44
CA LEU B 52 18.25 2.24 4.28
C LEU B 52 16.81 1.89 4.63
N LEU B 53 16.15 2.78 5.35
CA LEU B 53 14.73 2.59 5.62
C LEU B 53 13.94 2.62 4.32
N ASN B 54 14.07 3.70 3.57
CA ASN B 54 13.36 3.85 2.30
C ASN B 54 14.23 3.42 1.13
N SER B 57 16.20 4.51 -2.71
CA SER B 57 15.65 5.80 -2.32
C SER B 57 16.49 6.44 -1.22
N TYR B 58 17.77 6.67 -1.50
CA TYR B 58 18.72 7.17 -0.52
C TYR B 58 18.85 8.69 -0.61
N TYR B 59 17.74 9.38 -0.39
CA TYR B 59 17.75 10.84 -0.43
C TYR B 59 16.47 11.36 0.18
N GLU B 60 16.56 12.55 0.77
CA GLU B 60 15.43 13.29 1.30
C GLU B 60 15.88 14.71 1.62
N HIS B 61 15.10 15.72 1.20
CA HIS B 61 15.48 17.11 1.38
C HIS B 61 14.44 17.77 2.30
N VAL B 62 14.69 17.66 3.60
CA VAL B 62 13.85 18.34 4.59
C VAL B 62 13.86 19.84 4.35
N LYS B 63 14.93 20.36 3.74
CA LYS B 63 15.04 21.77 3.42
C LYS B 63 14.79 21.94 1.93
N ILE B 64 13.66 22.55 1.59
CA ILE B 64 13.38 22.93 0.21
C ILE B 64 14.53 23.75 -0.35
N SER B 65 15.08 24.64 0.46
CA SER B 65 15.99 25.67 0.01
C SER B 65 17.44 25.21 -0.05
N ALA B 66 17.72 23.97 0.36
CA ALA B 66 19.07 23.47 0.52
C ALA B 66 19.19 22.13 -0.20
N PRO B 67 19.39 22.15 -1.52
CA PRO B 67 19.58 20.89 -2.26
C PRO B 67 20.86 20.18 -1.91
N ASN B 68 21.83 20.87 -1.30
CA ASN B 68 23.09 20.26 -0.91
C ASN B 68 23.05 19.68 0.50
N GLU B 69 21.90 19.71 1.16
CA GLU B 69 21.76 19.22 2.53
C GLU B 69 20.85 18.00 2.51
N PHE B 70 21.45 16.82 2.47
CA PHE B 70 20.72 15.56 2.42
C PHE B 70 20.49 15.02 3.82
N ASP B 71 19.57 14.06 3.91
CA ASP B 71 19.27 13.41 5.19
C ASP B 71 18.78 12.00 4.91
N VAL B 72 19.54 11.00 5.38
CA VAL B 72 19.17 9.61 5.24
C VAL B 72 19.00 9.01 6.63
N MET B 73 18.26 7.91 6.70
CA MET B 73 17.97 7.24 7.96
C MET B 73 18.35 5.78 7.83
N PHE B 74 19.18 5.30 8.76
CA PHE B 74 19.58 3.90 8.83
C PHE B 74 18.72 3.19 9.86
N LYS B 75 18.00 2.16 9.43
CA LYS B 75 17.10 1.43 10.31
C LYS B 75 17.71 0.09 10.71
N LEU B 76 17.33 -0.37 11.90
CA LEU B 76 17.75 -1.67 12.42
C LEU B 76 16.59 -2.26 13.22
N GLU B 77 16.20 -3.49 12.86
CA GLU B 77 15.11 -4.13 13.56
C GLU B 77 15.55 -4.64 14.93
N VAL B 78 14.71 -4.40 15.94
CA VAL B 78 14.90 -4.94 17.27
C VAL B 78 13.82 -5.99 17.49
N PRO B 79 14.14 -7.28 17.33
CA PRO B 79 13.10 -8.30 17.14
C PRO B 79 12.00 -8.35 18.19
N ARG B 80 12.31 -8.19 19.48
CA ARG B 80 11.29 -8.40 20.51
C ARG B 80 11.54 -7.43 21.66
N ILE B 81 10.88 -6.27 21.59
CA ILE B 81 11.06 -5.22 22.59
C ILE B 81 9.76 -5.01 23.37
N GLN B 82 9.92 -4.44 24.56
CA GLN B 82 8.80 -3.98 25.37
C GLN B 82 9.08 -2.53 25.75
N LEU B 83 8.17 -1.64 25.41
CA LEU B 83 8.36 -0.21 25.61
C LEU B 83 7.74 0.24 26.92
N GLU B 84 8.40 1.18 27.58
CA GLU B 84 7.91 1.77 28.83
C GLU B 84 7.76 3.27 28.61
N GLU B 85 6.52 3.75 28.62
CA GLU B 85 6.24 5.16 28.41
C GLU B 85 6.93 6.01 29.46
N TYR B 86 7.92 6.81 29.05
CA TYR B 86 8.63 7.68 29.98
C TYR B 86 7.70 8.79 30.44
N SER B 87 7.24 8.69 31.68
CA SER B 87 6.66 9.82 32.41
C SER B 87 5.49 10.48 31.66
N ASN B 88 4.63 9.65 31.06
CA ASN B 88 3.36 10.09 30.49
C ASN B 88 3.54 11.13 29.38
N THR B 89 4.65 11.08 28.66
CA THR B 89 4.86 11.97 27.53
C THR B 89 4.25 11.44 26.24
N ARG B 90 3.82 10.18 26.22
CA ARG B 90 3.09 9.56 25.11
C ARG B 90 3.95 9.29 23.89
N ALA B 91 5.07 10.01 23.75
CA ALA B 91 5.92 9.88 22.58
C ALA B 91 7.33 9.41 22.90
N TYR B 92 7.73 9.40 24.17
CA TYR B 92 9.08 9.01 24.56
C TYR B 92 8.99 7.71 25.38
N TYR B 93 9.86 6.75 25.04
CA TYR B 93 9.76 5.42 25.61
C TYR B 93 11.15 4.87 25.92
N PHE B 94 11.21 4.00 26.93
CA PHE B 94 12.38 3.18 27.18
C PHE B 94 12.28 1.90 26.38
N VAL B 95 13.40 1.44 25.83
CA VAL B 95 13.46 0.22 25.06
C VAL B 95 14.02 -0.89 25.95
N LYS B 96 13.17 -1.83 26.33
CA LYS B 96 13.56 -3.02 27.06
C LYS B 96 13.28 -4.24 26.21
N PHE B 97 13.85 -5.37 26.62
CA PHE B 97 13.70 -6.61 25.86
C PHE B 97 13.04 -7.70 26.70
N GLU B 103 22.01 -14.04 23.29
CA GLU B 103 21.20 -14.19 22.09
C GLU B 103 20.69 -12.86 21.55
N ASN B 104 21.28 -11.76 21.99
CA ASN B 104 20.90 -10.49 21.38
C ASN B 104 22.09 -9.55 21.19
N PRO B 105 22.32 -9.09 19.95
CA PRO B 105 23.57 -8.38 19.65
C PRO B 105 23.70 -7.01 20.30
N LEU B 106 22.62 -6.46 20.86
CA LEU B 106 22.62 -5.09 21.36
C LEU B 106 22.81 -5.00 22.88
N SER B 107 22.98 -6.14 23.56
CA SER B 107 23.18 -6.09 25.00
C SER B 107 24.53 -5.48 25.37
N GLN B 108 25.38 -5.18 24.40
CA GLN B 108 26.57 -4.36 24.68
C GLN B 108 26.19 -3.01 25.27
N PHE B 109 24.96 -2.56 25.06
CA PHE B 109 24.44 -1.35 25.69
C PHE B 109 23.17 -1.67 26.48
N GLU B 111 22.80 -0.65 29.66
CA GLU B 111 22.90 0.10 30.91
C GLU B 111 21.69 -0.17 31.79
N GLY B 112 21.77 -1.23 32.60
CA GLY B 112 20.62 -1.72 33.33
C GLY B 112 19.75 -2.57 32.42
N GLU B 113 18.43 -2.46 32.56
CA GLU B 113 17.52 -3.13 31.65
C GLU B 113 17.22 -2.30 30.40
N ILE B 114 17.39 -0.98 30.47
CA ILE B 114 17.04 -0.10 29.38
C ILE B 114 18.18 -0.05 28.38
N LEU B 115 17.84 -0.12 27.09
CA LEU B 115 18.83 0.03 26.04
C LEU B 115 19.29 1.48 25.97
N SER B 116 20.61 1.70 26.06
CA SER B 116 21.16 3.04 26.16
C SER B 116 21.26 3.68 24.78
N ALA B 117 20.58 4.80 24.59
CA ALA B 117 20.69 5.53 23.33
C ALA B 117 22.08 6.11 23.15
N SER B 118 22.67 6.64 24.23
CA SER B 118 23.97 7.30 24.11
C SER B 118 25.08 6.29 23.81
N LYS B 119 25.04 5.11 24.45
CA LYS B 119 26.03 4.08 24.15
C LYS B 119 25.89 3.59 22.71
N MET B 120 24.66 3.30 22.30
CA MET B 120 24.41 2.85 20.93
C MET B 120 24.80 3.92 19.91
N LEU B 121 24.62 5.20 20.25
CA LEU B 121 25.07 6.26 19.35
C LEU B 121 26.58 6.41 19.36
N SER B 122 27.22 6.14 20.50
CA SER B 122 28.68 6.25 20.58
C SER B 122 29.35 5.27 19.63
N LYS B 123 28.89 4.01 19.61
CA LYS B 123 29.47 3.04 18.69
C LYS B 123 29.09 3.33 17.24
N PHE B 124 27.85 3.79 17.02
CA PHE B 124 27.44 4.16 15.67
C PHE B 124 28.31 5.28 15.12
N ARG B 125 28.51 6.34 15.90
CA ARG B 125 29.42 7.42 15.51
C ARG B 125 30.82 6.88 15.25
N LYS B 126 31.28 5.94 16.08
CA LYS B 126 32.66 5.48 16.02
C LYS B 126 32.95 4.77 14.69
N ILE B 127 32.09 3.81 14.32
CA ILE B 127 32.33 3.03 13.11
C ILE B 127 32.30 3.93 11.88
N ILE B 128 31.39 4.90 11.84
CA ILE B 128 31.32 5.80 10.70
C ILE B 128 32.53 6.72 10.65
N LYS B 129 32.97 7.21 11.81
CA LYS B 129 34.15 8.08 11.85
C LYS B 129 35.37 7.35 11.31
N GLU B 130 35.50 6.06 11.60
CA GLU B 130 36.60 5.28 11.04
C GLU B 130 36.37 4.99 9.56
N GLU B 131 35.11 4.83 9.15
CA GLU B 131 34.83 4.46 7.76
C GLU B 131 35.14 5.60 6.81
N ILE B 132 34.81 6.83 7.18
CA ILE B 132 35.05 7.98 6.30
C ILE B 132 36.52 8.33 6.18
N ASN B 133 37.38 7.79 7.04
CA ASN B 133 38.81 8.02 6.93
C ASN B 133 39.44 7.29 5.74
N ASP B 134 38.74 6.32 5.16
CA ASP B 134 39.24 5.63 3.98
C ASP B 134 38.71 6.29 2.70
N ASP B 139 37.48 14.61 0.60
CA ASP B 139 37.66 14.39 2.03
C ASP B 139 36.33 14.50 2.78
N VAL B 140 35.81 13.36 3.21
CA VAL B 140 34.61 13.34 4.05
C VAL B 140 35.00 13.75 5.46
N ILE B 141 34.23 14.65 6.06
CA ILE B 141 34.52 15.15 7.40
C ILE B 141 33.26 15.04 8.25
N MET B 142 33.44 14.62 9.49
CA MET B 142 32.37 14.59 10.48
C MET B 142 32.32 15.92 11.21
N LYS B 143 31.10 16.36 11.53
CA LYS B 143 30.96 17.54 12.37
C LYS B 143 30.88 17.14 13.84
N ARG B 144 31.04 18.13 14.70
CA ARG B 144 31.17 17.88 16.13
C ARG B 144 29.91 17.27 16.71
N LYS B 145 30.09 16.30 17.61
CA LYS B 145 29.03 15.49 18.22
C LYS B 145 27.71 16.24 18.47
N PRO B 150 19.73 13.54 14.26
CA PRO B 150 20.98 13.68 13.51
C PRO B 150 22.18 13.18 14.30
N ALA B 151 22.30 11.86 14.44
CA ALA B 151 23.41 11.28 15.18
C ALA B 151 24.75 11.69 14.60
N VAL B 152 24.86 11.62 13.27
CA VAL B 152 26.09 11.97 12.56
C VAL B 152 25.71 12.89 11.41
N THR B 153 26.56 13.89 11.14
CA THR B 153 26.42 14.71 9.95
C THR B 153 27.78 14.79 9.28
N LEU B 154 27.85 14.34 8.02
CA LEU B 154 29.08 14.38 7.25
C LEU B 154 29.06 15.55 6.28
N LEU B 155 30.25 16.04 5.93
CA LEU B 155 30.41 17.03 4.88
C LEU B 155 31.30 16.42 3.80
N ILE B 156 30.68 16.06 2.68
CA ILE B 156 31.39 15.38 1.61
C ILE B 156 32.08 16.38 0.69
N GLU B 158 33.49 19.22 -0.01
CA GLU B 158 33.30 20.26 0.99
C GLU B 158 32.03 21.05 0.72
N LYS B 159 31.14 20.49 -0.08
CA LYS B 159 29.92 21.17 -0.49
C LYS B 159 28.64 20.55 0.06
N ILE B 160 28.61 19.24 0.28
CA ILE B 160 27.40 18.51 0.58
C ILE B 160 27.41 18.07 2.04
N SER B 161 26.33 18.37 2.74
CA SER B 161 26.10 17.85 4.08
C SER B 161 25.16 16.65 3.98
N VAL B 162 25.40 15.63 4.81
CA VAL B 162 24.50 14.48 4.89
C VAL B 162 24.39 14.10 6.35
N ASP B 163 23.17 14.25 6.91
CA ASP B 163 22.88 13.91 8.30
C ASP B 163 22.32 12.50 8.35
N ILE B 164 22.96 11.64 9.13
CA ILE B 164 22.57 10.23 9.26
C ILE B 164 21.92 10.03 10.61
N THR B 165 20.78 9.36 10.63
CA THR B 165 20.04 9.06 11.85
C THR B 165 19.91 7.55 12.00
N LEU B 166 20.08 7.08 13.23
CA LEU B 166 19.88 5.68 13.56
C LEU B 166 18.50 5.50 14.17
N ALA B 167 17.71 4.58 13.60
CA ALA B 167 16.36 4.33 14.06
C ALA B 167 16.16 2.85 14.33
N LEU B 168 15.52 2.54 15.45
CA LEU B 168 15.14 1.17 15.75
C LEU B 168 13.80 0.85 15.08
N GLU B 169 13.74 -0.30 14.41
CA GLU B 169 12.52 -0.75 13.76
C GLU B 169 11.85 -1.82 14.61
N SER B 170 10.52 -1.78 14.68
CA SER B 170 9.74 -2.78 15.39
C SER B 170 8.52 -3.13 14.56
N LYS B 171 8.37 -4.41 14.23
CA LYS B 171 7.24 -4.88 13.43
C LYS B 171 6.01 -5.20 14.27
N SER B 172 6.09 -5.05 15.59
CA SER B 172 4.92 -5.25 16.43
C SER B 172 3.92 -4.12 16.22
N SER B 173 2.74 -4.26 16.82
CA SER B 173 1.70 -3.26 16.68
C SER B 173 2.12 -1.95 17.33
N TRP B 174 1.52 -0.86 16.84
CA TRP B 174 1.90 0.47 17.29
C TRP B 174 1.55 0.64 18.77
N PRO B 175 2.28 1.52 19.48
CA PRO B 175 1.95 1.78 20.89
C PRO B 175 0.53 2.31 21.05
N ALA B 176 0.02 2.17 22.27
CA ALA B 176 -1.36 2.56 22.56
C ALA B 176 -1.58 4.06 22.48
N SER B 177 -0.51 4.86 22.54
CA SER B 177 -0.66 6.31 22.44
C SER B 177 -0.98 6.75 21.03
N THR B 178 -0.77 5.90 20.03
CA THR B 178 -1.13 6.17 18.65
C THR B 178 -2.54 5.72 18.31
N GLN B 179 -3.32 5.30 19.30
CA GLN B 179 -4.59 4.64 19.05
C GLN B 179 -5.57 5.56 18.34
N GLU B 180 -5.65 6.82 18.75
CA GLU B 180 -6.59 7.78 18.19
C GLU B 180 -5.95 8.73 17.20
N GLY B 181 -4.69 8.53 16.86
CA GLY B 181 -4.03 9.35 15.86
C GLY B 181 -4.32 8.86 14.46
N LEU B 182 -3.67 9.52 13.49
CA LEU B 182 -3.80 9.18 12.07
C LEU B 182 -5.27 9.19 11.65
N ARG B 183 -5.98 10.25 12.04
CA ARG B 183 -7.40 10.36 11.76
C ARG B 183 -7.65 10.64 10.29
N ILE B 184 -7.47 9.63 9.45
CA ILE B 184 -7.57 9.76 8.00
C ILE B 184 -8.77 9.02 7.44
N GLN B 185 -9.65 8.50 8.30
CA GLN B 185 -10.74 7.64 7.83
C GLN B 185 -11.63 8.36 6.82
N ASN B 186 -11.94 9.62 7.08
CA ASN B 186 -12.79 10.39 6.16
C ASN B 186 -12.01 11.00 5.00
N TRP B 187 -10.69 10.79 4.94
CA TRP B 187 -9.85 11.37 3.89
C TRP B 187 -9.30 10.28 2.99
N LEU B 188 -8.42 9.43 3.49
CA LEU B 188 -7.80 8.37 2.69
C LEU B 188 -8.45 7.02 2.91
N SER B 189 -9.49 6.96 3.76
CA SER B 189 -10.35 5.81 4.05
C SER B 189 -9.87 5.01 5.25
N ALA B 190 -10.82 4.41 5.98
CA ALA B 190 -10.47 3.54 7.09
C ALA B 190 -9.72 2.30 6.61
N LYS B 191 -10.04 1.83 5.40
CA LYS B 191 -9.32 0.70 4.81
C LYS B 191 -7.82 1.01 4.74
N VAL B 192 -7.48 2.22 4.30
CA VAL B 192 -6.07 2.60 4.19
C VAL B 192 -5.44 2.75 5.56
N ARG B 193 -6.17 3.36 6.51
CA ARG B 193 -5.61 3.57 7.84
C ARG B 193 -5.25 2.24 8.50
N LYS B 194 -6.11 1.23 8.35
CA LYS B 194 -5.81 -0.08 8.91
C LYS B 194 -4.59 -0.72 8.25
N GLN B 195 -4.39 -0.46 6.95
CA GLN B 195 -3.23 -1.02 6.28
C GLN B 195 -1.95 -0.34 6.72
N LEU B 196 -1.97 0.99 6.84
CA LEU B 196 -0.78 1.73 7.27
C LEU B 196 -0.32 1.28 8.64
N ARG B 197 -1.27 1.08 9.56
CA ARG B 197 -0.92 0.72 10.93
C ARG B 197 -0.35 -0.68 11.05
N LEU B 198 -0.47 -1.52 10.01
CA LEU B 198 0.18 -2.83 10.02
C LEU B 198 1.67 -2.73 9.73
N LYS B 199 2.13 -1.61 9.21
CA LYS B 199 3.53 -1.40 8.92
C LYS B 199 4.31 -1.15 10.21
N PRO B 200 5.63 -1.34 10.19
CA PRO B 200 6.41 -1.10 11.41
C PRO B 200 6.48 0.37 11.77
N PHE B 201 6.70 0.63 13.05
CA PHE B 201 7.02 1.97 13.51
C PHE B 201 8.51 2.03 13.83
N TYR B 202 8.98 3.22 14.18
CA TYR B 202 10.41 3.44 14.35
C TYR B 202 10.66 4.28 15.59
N LEU B 203 11.78 3.98 16.26
CA LEU B 203 12.20 4.69 17.47
C LEU B 203 13.56 5.32 17.21
N VAL B 204 13.66 6.62 17.48
CA VAL B 204 14.90 7.37 17.26
C VAL B 204 15.38 7.94 18.58
N PRO B 205 16.68 8.09 18.80
CA PRO B 205 17.17 8.61 20.08
C PRO B 205 17.11 10.12 20.16
N LYS B 206 16.65 10.60 21.31
CA LYS B 206 16.63 12.02 21.65
C LYS B 206 16.19 12.15 23.10
N HIS B 207 16.80 13.09 23.82
CA HIS B 207 16.52 13.30 25.23
C HIS B 207 15.03 13.58 25.50
N PHE B 214 16.98 15.99 29.63
CA PHE B 214 16.06 15.08 30.31
C PHE B 214 16.74 13.75 30.58
N GLN B 215 15.93 12.72 30.87
CA GLN B 215 16.46 11.37 30.96
C GLN B 215 17.01 10.96 29.60
N GLU B 216 18.32 11.04 29.42
CA GLU B 216 18.97 10.89 28.13
C GLU B 216 19.04 9.44 27.66
N GLU B 217 18.15 8.57 28.12
CA GLU B 217 18.10 7.19 27.67
C GLU B 217 16.74 6.87 27.05
N THR B 218 16.07 7.89 26.51
CA THR B 218 14.76 7.74 25.91
C THR B 218 14.87 7.64 24.39
N TRP B 219 13.85 7.04 23.79
CA TRP B 219 13.68 7.01 22.34
C TRP B 219 12.31 7.57 22.00
N ARG B 220 12.23 8.31 20.90
CA ARG B 220 11.01 8.95 20.48
C ARG B 220 10.40 8.22 19.29
N LEU B 221 9.08 8.09 19.29
CA LEU B 221 8.38 7.45 18.19
C LEU B 221 8.57 8.26 16.91
N SER B 222 8.64 7.56 15.78
CA SER B 222 8.83 8.18 14.48
C SER B 222 7.97 7.48 13.46
N PHE B 223 7.17 8.25 12.73
CA PHE B 223 6.35 7.73 11.65
C PHE B 223 6.68 8.43 10.34
N SER B 224 7.97 8.75 10.15
CA SER B 224 8.51 9.37 8.96
C SER B 224 8.00 8.68 7.70
N HIS B 225 8.00 7.35 7.72
CA HIS B 225 7.69 6.58 6.52
C HIS B 225 6.23 6.72 6.12
N ILE B 226 5.33 6.77 7.09
CA ILE B 226 3.90 6.89 6.77
C ILE B 226 3.63 8.23 6.09
N GLU B 227 4.24 9.31 6.58
CA GLU B 227 4.00 10.63 6.01
C GLU B 227 4.45 10.69 4.56
N LYS B 228 5.59 10.08 4.24
CA LYS B 228 6.02 10.01 2.84
C LYS B 228 5.00 9.26 1.99
N GLU B 229 4.46 8.17 2.52
CA GLU B 229 3.42 7.44 1.82
C GLU B 229 2.19 8.30 1.59
N ILE B 230 1.75 9.01 2.63
CA ILE B 230 0.54 9.82 2.54
C ILE B 230 0.71 10.93 1.51
N LEU B 231 1.86 11.61 1.53
CA LEU B 231 2.04 12.76 0.66
C LEU B 231 2.05 12.36 -0.81
N ASN B 232 2.72 11.26 -1.14
CA ASN B 232 2.79 10.78 -2.51
C ASN B 232 1.58 9.96 -2.92
N ASN B 233 0.55 9.90 -2.07
CA ASN B 233 -0.71 9.20 -2.29
C ASN B 233 -1.75 9.95 -1.45
N HIS B 234 -2.02 11.19 -1.84
CA HIS B 234 -2.64 12.17 -0.96
C HIS B 234 -4.12 12.40 -1.20
N GLY B 235 -4.68 11.90 -2.29
CA GLY B 235 -6.04 12.23 -2.63
C GLY B 235 -7.06 11.25 -2.09
N LYS B 236 -8.32 11.70 -2.06
CA LYS B 236 -9.42 10.77 -1.80
C LYS B 236 -9.68 9.90 -3.01
N SER B 237 -9.63 10.48 -4.21
CA SER B 237 -9.65 9.71 -5.44
C SER B 237 -8.27 9.11 -5.68
N LYS B 238 -8.24 7.82 -6.04
CA LYS B 238 -6.96 7.16 -6.31
C LYS B 238 -6.24 7.78 -7.49
N THR B 239 -6.97 8.43 -8.41
CA THR B 239 -6.39 9.07 -9.58
C THR B 239 -6.17 10.57 -9.37
N CYS B 240 -6.12 11.03 -8.12
CA CYS B 240 -5.87 12.44 -7.85
C CYS B 240 -4.48 12.84 -8.35
N CYS B 241 -4.43 13.88 -9.18
CA CYS B 241 -3.25 14.47 -9.80
C CYS B 241 -2.68 13.61 -10.92
N GLU B 242 -3.45 12.64 -11.43
CA GLU B 242 -3.01 11.83 -12.56
C GLU B 242 -3.67 12.24 -13.87
N ASN B 243 -4.51 13.27 -13.85
CA ASN B 243 -5.11 13.82 -15.06
C ASN B 243 -5.51 15.26 -14.80
N LYS B 244 -5.83 15.97 -15.89
CA LYS B 244 -6.07 17.41 -15.81
C LYS B 244 -7.30 17.74 -14.97
N GLU B 245 -8.31 16.88 -14.97
CA GLU B 245 -9.52 17.18 -14.22
C GLU B 245 -9.34 17.03 -12.71
N GLU B 246 -8.34 16.26 -12.27
CA GLU B 246 -8.14 16.04 -10.84
C GLU B 246 -6.76 16.51 -10.39
N LYS B 247 -6.34 17.70 -10.80
CA LYS B 247 -5.06 18.25 -10.35
C LYS B 247 -5.28 19.04 -9.07
N CYS B 248 -4.74 18.51 -7.96
CA CYS B 248 -4.86 19.13 -6.65
C CYS B 248 -3.68 20.05 -6.40
N CYS B 249 -3.69 20.70 -5.23
CA CYS B 249 -2.62 21.60 -4.84
C CYS B 249 -2.17 21.32 -3.40
N ARG B 250 -2.34 20.08 -2.94
CA ARG B 250 -1.90 19.72 -1.60
C ARG B 250 -0.39 19.83 -1.46
N LYS B 251 0.35 19.15 -2.35
CA LYS B 251 1.82 19.19 -2.30
C LYS B 251 2.35 20.62 -2.42
N ASP B 252 1.66 21.47 -3.18
CA ASP B 252 2.17 22.82 -3.41
C ASP B 252 2.05 23.68 -2.16
N CYS B 253 0.94 23.54 -1.43
CA CYS B 253 0.77 24.32 -0.21
C CYS B 253 1.74 23.87 0.89
N LEU B 254 2.04 22.57 0.95
CA LEU B 254 3.02 22.08 1.91
C LEU B 254 4.40 22.64 1.61
N LYS B 255 4.82 22.60 0.34
CA LYS B 255 6.11 23.16 -0.05
C LYS B 255 6.18 24.64 0.28
N LEU B 256 5.09 25.38 0.02
CA LEU B 256 5.10 26.82 0.28
C LEU B 256 5.11 27.12 1.77
N MET B 257 4.47 26.28 2.59
CA MET B 257 4.55 26.46 4.04
C MET B 257 5.97 26.21 4.54
N LYS B 258 6.60 25.13 4.07
CA LYS B 258 7.96 24.82 4.51
C LYS B 258 8.93 25.89 4.04
N TYR B 259 8.77 26.37 2.81
CA TYR B 259 9.61 27.46 2.31
C TYR B 259 9.40 28.74 3.12
N LEU B 260 8.14 29.04 3.45
CA LEU B 260 7.84 30.24 4.23
C LEU B 260 8.60 30.24 5.55
N LEU B 261 8.58 29.10 6.26
CA LEU B 261 9.28 29.02 7.54
C LEU B 261 10.79 29.02 7.36
N GLU B 262 11.28 28.29 6.36
CA GLU B 262 12.72 28.20 6.15
C GLU B 262 13.33 29.57 5.89
N GLN B 263 12.66 30.40 5.09
CA GLN B 263 13.14 31.76 4.85
C GLN B 263 13.13 32.58 6.14
N LEU B 264 12.05 32.45 6.93
CA LEU B 264 11.96 33.22 8.16
C LEU B 264 12.98 32.74 9.19
N LYS B 265 13.21 31.42 9.27
CA LYS B 265 14.22 30.91 10.19
C LYS B 265 15.62 31.41 9.82
N GLU B 266 15.85 31.68 8.54
CA GLU B 266 17.15 32.16 8.10
C GLU B 266 17.28 33.67 8.21
N ARG B 267 16.20 34.42 7.95
CA ARG B 267 16.26 35.86 8.14
C ARG B 267 16.63 36.21 9.58
N PHE B 268 16.24 35.37 10.53
CA PHE B 268 16.59 35.53 11.94
C PHE B 268 17.55 34.43 12.38
N LYS B 269 18.41 33.98 11.46
CA LYS B 269 19.51 33.08 11.73
C LYS B 269 20.29 33.47 12.98
N ASP B 270 20.79 34.71 12.98
CA ASP B 270 21.66 35.17 14.06
C ASP B 270 20.92 35.15 15.40
N LYS B 271 19.72 35.74 15.44
CA LYS B 271 18.94 35.73 16.66
C LYS B 271 18.44 34.31 16.96
N LYS B 272 17.66 34.18 18.03
CA LYS B 272 17.26 32.87 18.52
C LYS B 272 15.75 32.66 18.55
N HIS B 273 14.97 33.58 17.96
CA HIS B 273 13.52 33.55 18.14
C HIS B 273 12.90 32.30 17.52
N LEU B 274 13.35 31.90 16.35
CA LEU B 274 12.70 30.82 15.59
C LEU B 274 13.52 29.53 15.59
N ASP B 275 14.33 29.31 16.62
CA ASP B 275 15.16 28.12 16.67
C ASP B 275 14.39 26.87 17.05
N LYS B 276 13.26 27.01 17.73
CA LYS B 276 12.48 25.87 18.20
C LYS B 276 11.35 25.50 17.25
N PHE B 277 11.31 26.10 16.06
CA PHE B 277 10.32 25.77 15.04
C PHE B 277 11.00 24.99 13.92
N SER B 278 10.31 23.96 13.43
CA SER B 278 10.85 23.07 12.41
C SER B 278 9.84 22.85 11.31
N SER B 279 10.31 22.22 10.23
CA SER B 279 9.40 21.81 9.16
C SER B 279 8.46 20.71 9.61
N TYR B 280 8.78 20.01 10.71
CA TYR B 280 7.83 19.04 11.24
C TYR B 280 6.57 19.72 11.75
N HIS B 281 6.69 20.94 12.24
CA HIS B 281 5.52 21.66 12.73
C HIS B 281 4.61 22.08 11.57
N VAL B 282 5.19 22.63 10.50
CA VAL B 282 4.35 23.01 9.38
C VAL B 282 3.76 21.78 8.70
N LYS B 283 4.51 20.67 8.68
CA LYS B 283 3.97 19.46 8.05
C LYS B 283 2.87 18.84 8.91
N THR B 284 3.02 18.91 10.23
CA THR B 284 1.95 18.42 11.12
C THR B 284 0.70 19.27 10.95
N ALA B 285 0.87 20.60 10.93
CA ALA B 285 -0.26 21.49 10.69
C ALA B 285 -0.94 21.16 9.36
N PHE B 286 -0.15 20.81 8.34
CA PHE B 286 -0.71 20.54 7.03
C PHE B 286 -1.61 19.31 7.05
N PHE B 287 -1.16 18.23 7.70
CA PHE B 287 -1.96 17.00 7.75
C PHE B 287 -3.28 17.24 8.46
N HIS B 288 -3.29 18.08 9.49
CA HIS B 288 -4.54 18.39 10.17
C HIS B 288 -5.49 19.14 9.24
N VAL B 289 -4.96 20.06 8.43
CA VAL B 289 -5.78 20.73 7.42
C VAL B 289 -6.29 19.72 6.39
N CYS B 290 -5.52 18.65 6.15
CA CYS B 290 -5.99 17.60 5.26
C CYS B 290 -7.16 16.84 5.88
N THR B 291 -7.08 16.57 7.19
CA THR B 291 -8.20 15.95 7.88
C THR B 291 -9.42 16.85 7.86
N GLN B 292 -9.20 18.16 7.97
CA GLN B 292 -10.29 19.12 8.08
C GLN B 292 -10.98 19.37 6.74
N ASN B 293 -10.25 19.27 5.63
CA ASN B 293 -10.78 19.47 4.29
C ASN B 293 -10.50 18.22 3.47
N PRO B 294 -11.28 17.14 3.70
CA PRO B 294 -10.92 15.84 3.11
C PRO B 294 -11.19 15.71 1.62
N GLN B 295 -12.12 16.48 1.06
CA GLN B 295 -12.47 16.30 -0.35
C GLN B 295 -11.42 16.95 -1.26
N ASP B 296 -11.22 16.32 -2.42
CA ASP B 296 -10.27 16.87 -3.39
C ASP B 296 -10.72 18.21 -3.93
N SER B 297 -12.04 18.43 -4.03
CA SER B 297 -12.56 19.68 -4.57
C SER B 297 -12.24 20.88 -3.69
N GLN B 298 -11.88 20.66 -2.43
CA GLN B 298 -11.38 21.73 -1.57
C GLN B 298 -9.90 22.01 -1.81
N TRP B 299 -9.27 21.29 -2.74
CA TRP B 299 -7.86 21.47 -3.06
C TRP B 299 -7.66 21.68 -4.55
N ASP B 300 -8.67 22.22 -5.24
CA ASP B 300 -8.56 22.48 -6.66
C ASP B 300 -7.40 23.45 -6.93
N ARG B 301 -6.54 23.07 -7.87
CA ARG B 301 -5.34 23.87 -8.14
C ARG B 301 -5.67 25.27 -8.63
N LYS B 302 -6.87 25.48 -9.17
CA LYS B 302 -7.30 26.81 -9.56
C LYS B 302 -7.46 27.74 -8.35
N ASP B 303 -7.46 27.20 -7.13
CA ASP B 303 -7.65 27.97 -5.92
C ASP B 303 -6.45 27.85 -4.98
N LEU B 304 -5.25 27.75 -5.55
CA LEU B 304 -4.04 27.70 -4.73
C LEU B 304 -3.94 28.90 -3.79
N GLY B 305 -4.46 30.06 -4.20
CA GLY B 305 -4.36 31.24 -3.36
C GLY B 305 -5.08 31.06 -2.04
N LEU B 306 -6.33 30.60 -2.10
CA LEU B 306 -7.16 30.54 -0.90
C LEU B 306 -6.77 29.37 0.00
N CYS B 307 -6.50 28.20 -0.61
CA CYS B 307 -6.04 27.05 0.16
C CYS B 307 -4.74 27.34 0.91
N PHE B 308 -3.73 27.90 0.22
CA PHE B 308 -2.50 28.25 0.92
C PHE B 308 -2.75 29.28 2.00
N ASP B 309 -3.60 30.27 1.72
CA ASP B 309 -4.00 31.19 2.77
C ASP B 309 -4.68 30.46 3.92
N ASN B 310 -5.49 29.43 3.61
CA ASN B 310 -6.19 28.70 4.65
C ASN B 310 -5.22 27.90 5.52
N CYS B 311 -4.14 27.39 4.92
CA CYS B 311 -3.13 26.65 5.69
C CYS B 311 -2.25 27.60 6.49
N VAL B 312 -1.85 28.74 5.92
CA VAL B 312 -1.18 29.76 6.71
C VAL B 312 -2.04 30.16 7.89
N THR B 313 -3.37 30.20 7.70
CA THR B 313 -4.25 30.64 8.77
C THR B 313 -4.37 29.59 9.86
N TYR B 314 -4.39 28.32 9.51
CA TYR B 314 -4.46 27.27 10.53
C TYR B 314 -3.17 27.22 11.34
N PHE B 315 -2.02 27.27 10.67
CA PHE B 315 -0.74 27.28 11.37
C PHE B 315 -0.65 28.47 12.32
N LEU B 316 -1.15 29.62 11.91
CA LEU B 316 -1.21 30.77 12.80
C LEU B 316 -2.16 30.52 13.97
N GLN B 317 -3.29 29.85 13.70
CA GLN B 317 -4.24 29.57 14.77
C GLN B 317 -3.62 28.65 15.82
N CYS B 318 -2.75 27.74 15.40
CA CYS B 318 -2.09 26.86 16.35
C CYS B 318 -1.05 27.63 17.17
N LEU B 319 -0.37 28.59 16.54
CA LEU B 319 0.60 29.41 17.27
C LEU B 319 -0.08 30.20 18.38
N ARG B 320 -1.21 30.83 18.09
CA ARG B 320 -1.90 31.62 19.11
C ARG B 320 -2.50 30.73 20.19
N THR B 321 -3.19 29.66 19.80
CA THR B 321 -3.80 28.78 20.79
C THR B 321 -2.79 27.88 21.50
N GLU B 322 -1.54 27.84 21.03
CA GLU B 322 -0.51 27.00 21.63
C GLU B 322 -0.94 25.54 21.69
N LYS B 323 -1.64 25.10 20.65
CA LYS B 323 -2.09 23.72 20.52
C LYS B 323 -1.70 23.22 19.13
N LEU B 324 -0.89 22.17 19.08
CA LEU B 324 -0.53 21.53 17.81
C LEU B 324 -0.31 20.05 18.10
N GLU B 325 -1.37 19.26 17.97
CA GLU B 325 -1.30 17.84 18.22
C GLU B 325 -0.35 17.16 17.24
N ASN B 326 0.53 16.30 17.76
CA ASN B 326 1.24 15.36 16.91
C ASN B 326 0.23 14.53 16.13
N TYR B 327 0.42 14.43 14.81
CA TYR B 327 -0.58 13.81 13.96
C TYR B 327 -0.79 12.35 14.31
N PHE B 328 0.24 11.68 14.83
CA PHE B 328 0.14 10.28 15.19
C PHE B 328 -0.08 10.06 16.69
N ILE B 329 0.36 11.00 17.52
CA ILE B 329 0.20 10.90 18.98
C ILE B 329 -0.57 12.12 19.46
N PRO B 330 -1.91 12.05 19.49
CA PRO B 330 -2.71 13.27 19.71
C PRO B 330 -2.51 13.93 21.07
N GLU B 331 -2.09 13.20 22.09
CA GLU B 331 -1.90 13.84 23.40
C GLU B 331 -0.53 14.50 23.53
N PHE B 332 0.31 14.44 22.51
CA PHE B 332 1.62 15.08 22.50
C PHE B 332 1.47 16.41 21.77
N ASN B 333 1.44 17.51 22.54
CA ASN B 333 1.21 18.84 22.00
C ASN B 333 2.55 19.47 21.62
N LEU B 334 2.81 19.54 20.32
CA LEU B 334 4.10 20.06 19.84
C LEU B 334 4.29 21.52 20.22
N PHE B 335 3.21 22.28 20.35
CA PHE B 335 3.29 23.71 20.66
C PHE B 335 3.03 24.00 22.14
N SER B 336 3.43 23.07 23.01
CA SER B 336 3.22 23.24 24.44
C SER B 336 4.03 24.40 24.98
N SER B 337 3.57 24.97 26.10
CA SER B 337 4.32 26.02 26.77
C SER B 337 5.62 25.49 27.37
N ASN B 338 5.71 24.17 27.60
CA ASN B 338 6.92 23.57 28.13
C ASN B 338 7.97 23.29 27.06
N LEU B 339 7.61 23.37 25.79
CA LEU B 339 8.54 23.14 24.68
C LEU B 339 8.90 24.40 23.92
N ILE B 340 7.93 25.27 23.66
CA ILE B 340 8.16 26.51 22.94
C ILE B 340 7.57 27.66 23.74
N ASP B 341 8.39 28.69 23.99
CA ASP B 341 7.92 29.84 24.74
C ASP B 341 6.94 30.66 23.93
N LYS B 342 5.93 31.22 24.60
CA LYS B 342 4.94 32.05 23.92
C LYS B 342 5.59 33.24 23.23
N ARG B 343 6.70 33.74 23.79
CA ARG B 343 7.46 34.79 23.13
C ARG B 343 7.80 34.41 21.68
N SER B 344 8.34 33.21 21.49
CA SER B 344 8.72 32.76 20.15
C SER B 344 7.50 32.57 19.27
N LYS B 345 6.41 32.04 19.83
CA LYS B 345 5.17 31.90 19.07
C LYS B 345 4.65 33.26 18.62
N GLU B 346 4.57 34.20 19.56
CA GLU B 346 4.11 35.55 19.22
C GLU B 346 5.01 36.20 18.19
N PHE B 347 6.30 35.91 18.22
CA PHE B 347 7.22 36.48 17.23
C PHE B 347 6.98 35.88 15.86
N LEU B 348 6.98 34.55 15.76
CA LEU B 348 6.70 33.90 14.49
C LEU B 348 5.32 34.28 13.96
N THR B 349 4.36 34.49 14.86
CA THR B 349 3.01 34.88 14.43
C THR B 349 3.01 36.24 13.75
N LYS B 350 3.79 37.20 14.28
CA LYS B 350 3.80 38.54 13.71
C LYS B 350 4.57 38.57 12.39
N GLN B 351 5.64 37.79 12.28
CA GLN B 351 6.35 37.68 11.02
C GLN B 351 5.43 37.18 9.91
N ILE B 352 4.71 36.08 10.18
CA ILE B 352 3.86 35.48 9.16
C ILE B 352 2.71 36.39 8.79
N GLU B 353 2.13 37.08 9.77
CA GLU B 353 1.01 37.97 9.48
C GLU B 353 1.45 39.17 8.66
N TYR B 354 2.69 39.63 8.83
CA TYR B 354 3.20 40.70 7.99
C TYR B 354 3.41 40.21 6.55
N GLU B 355 3.95 39.00 6.40
CA GLU B 355 4.15 38.44 5.07
C GLU B 355 2.83 38.27 4.34
N ARG B 356 1.82 37.73 5.03
CA ARG B 356 0.54 37.44 4.39
C ARG B 356 -0.19 38.72 4.02
N ASN B 357 0.00 39.80 4.78
CA ASN B 357 -0.60 41.09 4.46
C ASN B 357 0.16 41.87 3.39
N ASN B 358 1.28 41.33 2.90
CA ASN B 358 2.12 42.06 1.97
C ASN B 358 2.60 41.18 0.81
N GLU B 359 1.81 40.17 0.45
CA GLU B 359 2.11 39.28 -0.68
C GLU B 359 3.44 38.56 -0.52
N PHE B 360 3.84 38.29 0.73
CA PHE B 360 4.97 37.44 1.07
C PHE B 360 6.27 37.93 0.44
N PRO B 361 6.84 39.05 0.91
CA PRO B 361 8.13 39.49 0.37
C PRO B 361 9.26 38.51 0.63
N VAL B 362 9.21 37.76 1.72
CA VAL B 362 10.28 36.84 2.06
C VAL B 362 10.48 35.74 1.03
N PHE B 363 9.52 35.57 0.12
CA PHE B 363 9.65 34.51 -0.89
C PHE B 363 10.72 34.86 -1.91
N ASP B 364 10.80 36.12 -2.33
CA ASP B 364 11.79 36.56 -3.29
C ASP B 364 13.01 37.20 -2.63
N GLU B 365 13.04 37.28 -1.30
CA GLU B 365 14.09 38.00 -0.61
C GLU B 365 15.42 37.25 -0.61
N PHE B 366 15.41 35.93 -0.79
CA PHE B 366 16.64 35.15 -0.74
C PHE B 366 16.46 33.77 -1.38
#